data_5WRZ
#
_entry.id   5WRZ
#
_cell.length_a   48.770
_cell.length_b   92.350
_cell.length_c   163.200
_cell.angle_alpha   90.00
_cell.angle_beta   90.00
_cell.angle_gamma   90.00
#
_symmetry.space_group_name_H-M   'P 21 21 21'
#
loop_
_entity.id
_entity.type
_entity.pdbx_description
1 polymer 'Poly [ADP-ribose] polymerase 1'
2 non-polymer 7-fluoranyl-4-[[(3R)-pyrrolidin-3-yl]methoxy]-2H-phthalazin-1-one
#
_entity_poly.entity_id   1
_entity_poly.type   'polypeptide(L)'
_entity_poly.pdbx_seq_one_letter_code
;HMKSKLPKPVQDLIKMIFDVESMKKAMVEYEIDLQKMPLGKLSKRQIQAAYSILSEVQQAVSQGSSDSQILDLSNRFYTL
IPHDFGMKKPPLLNNADSVQAKAEMLDNLLDIEVAYSLLRGGSDDSSKDPIDVNYEKLKTDIKVVDRDSEEAEIIRKYVK
NTHATTHNAYDLEVIDIFKIEREGECQRYKPFKQLHNRRLLWHGSRTTNFAGILSQGLRIAPPEAPVTGYMFGKGIYFAD
MVSKSANYCHTSQGDPIGLILLGEVALGNMYELKHASHISKLPKGKHSVKGLGKTTPDPSANISLDGVDVPLGTGISSGV
NDTSLLYNEYIVYDIAQVNLKYLLKLKFNFKT
;
_entity_poly.pdbx_strand_id   A,B
#
loop_
_chem_comp.id
_chem_comp.type
_chem_comp.name
_chem_comp.formula
7U3 non-polymer 7-fluoranyl-4-[[(3R)-pyrrolidin-3-yl]methoxy]-2H-phthalazin-1-one 'C13 H14 F N3 O2'
#
# COMPACT_ATOMS: atom_id res chain seq x y z
N HIS A 1 -12.44 -17.02 51.01
CA HIS A 1 -13.42 -16.09 50.35
C HIS A 1 -14.81 -16.73 50.17
N MET A 2 -15.79 -15.91 49.78
CA MET A 2 -17.19 -16.36 49.62
C MET A 2 -17.38 -17.45 48.53
N LYS A 3 -16.44 -17.57 47.59
CA LYS A 3 -16.30 -18.75 46.64
C LYS A 3 -16.81 -18.56 45.20
N SER A 4 -17.65 -17.54 44.94
CA SER A 4 -18.08 -17.13 43.55
C SER A 4 -19.16 -18.02 42.93
N LYS A 5 -20.28 -17.40 42.60
CA LYS A 5 -21.41 -18.08 42.03
C LYS A 5 -21.52 -17.95 40.50
N LEU A 6 -20.55 -17.28 39.87
CA LEU A 6 -20.48 -17.27 38.41
C LEU A 6 -20.39 -18.69 37.92
N PRO A 7 -21.06 -19.00 36.77
CA PRO A 7 -20.91 -20.30 36.13
C PRO A 7 -19.46 -20.68 35.88
N LYS A 8 -19.18 -21.97 35.87
CA LYS A 8 -17.82 -22.47 35.83
C LYS A 8 -17.07 -22.05 34.56
N PRO A 9 -17.72 -22.15 33.39
CA PRO A 9 -17.10 -21.62 32.20
C PRO A 9 -16.70 -20.14 32.29
N VAL A 10 -17.53 -19.30 32.88
CA VAL A 10 -17.21 -17.85 33.02
C VAL A 10 -16.02 -17.65 33.94
N GLN A 11 -16.00 -18.41 35.03
CA GLN A 11 -14.81 -18.41 35.93
C GLN A 11 -13.51 -18.88 35.22
N ASP A 12 -13.58 -19.94 34.42
CA ASP A 12 -12.38 -20.37 33.68
C ASP A 12 -11.98 -19.32 32.68
N LEU A 13 -12.96 -18.65 32.06
CA LEU A 13 -12.61 -17.56 31.12
C LEU A 13 -11.85 -16.40 31.81
N ILE A 14 -12.32 -16.00 32.99
CA ILE A 14 -11.70 -14.94 33.77
C ILE A 14 -10.28 -15.33 34.17
N LYS A 15 -10.10 -16.57 34.64
CA LYS A 15 -8.75 -17.12 34.95
C LYS A 15 -7.81 -17.06 33.76
N MET A 16 -8.26 -17.49 32.60
CA MET A 16 -7.43 -17.43 31.36
C MET A 16 -7.01 -15.99 31.01
N ILE A 17 -7.98 -15.08 30.99
CA ILE A 17 -7.71 -13.75 30.46
C ILE A 17 -6.90 -12.90 31.39
N PHE A 18 -7.02 -13.11 32.70
CA PHE A 18 -6.19 -12.33 33.62
C PHE A 18 -4.86 -13.02 34.04
N ASP A 19 -4.46 -14.09 33.36
CA ASP A 19 -3.31 -14.86 33.81
C ASP A 19 -1.96 -14.13 33.60
N VAL A 20 -1.32 -13.70 34.70
CA VAL A 20 -0.11 -12.91 34.68
C VAL A 20 1.01 -13.63 33.95
N GLU A 21 1.08 -14.94 34.15
CA GLU A 21 2.14 -15.72 33.53
C GLU A 21 2.00 -15.84 32.02
N SER A 22 0.78 -15.90 31.53
CA SER A 22 0.56 -15.82 30.07
C SER A 22 1.01 -14.48 29.51
N MET A 23 0.79 -13.41 30.30
CA MET A 23 1.28 -12.09 29.89
C MET A 23 2.80 -12.09 29.71
N LYS A 24 3.51 -12.61 30.70
CA LYS A 24 4.96 -12.66 30.66
C LYS A 24 5.41 -13.52 29.48
N LYS A 25 4.77 -14.66 29.33
CA LYS A 25 5.04 -15.55 28.20
C LYS A 25 4.83 -14.86 26.85
N ALA A 26 3.76 -14.08 26.70
CA ALA A 26 3.57 -13.37 25.47
C ALA A 26 4.73 -12.38 25.27
N MET A 27 5.07 -11.62 26.30
CA MET A 27 6.22 -10.70 26.20
C MET A 27 7.52 -11.42 25.81
N VAL A 28 7.86 -12.52 26.47
CA VAL A 28 9.12 -13.21 26.12
C VAL A 28 9.08 -13.75 24.67
N GLU A 29 7.92 -14.21 24.21
CA GLU A 29 7.67 -14.50 22.80
C GLU A 29 8.01 -13.40 21.82
N TYR A 30 7.92 -12.14 22.24
CA TYR A 30 8.28 -11.02 21.38
C TYR A 30 9.71 -10.62 21.49
N GLU A 31 10.47 -11.34 22.32
CA GLU A 31 11.91 -11.15 22.56
C GLU A 31 12.13 -9.89 23.36
N ILE A 32 11.13 -9.48 24.12
CA ILE A 32 11.29 -8.44 25.10
C ILE A 32 12.08 -8.97 26.29
N ASP A 33 12.90 -8.07 26.83
CA ASP A 33 13.73 -8.32 27.96
C ASP A 33 12.96 -7.95 29.24
N LEU A 34 12.42 -8.97 29.94
CA LEU A 34 11.62 -8.77 31.19
C LEU A 34 12.39 -8.17 32.38
N GLN A 35 13.70 -8.40 32.41
CA GLN A 35 14.61 -7.72 33.37
C GLN A 35 14.62 -6.19 33.15
N LYS A 36 14.62 -5.75 31.91
CA LYS A 36 14.69 -4.31 31.62
C LYS A 36 13.33 -3.68 31.46
N MET A 37 12.35 -4.46 31.00
CA MET A 37 11.00 -3.98 30.73
C MET A 37 10.05 -5.05 31.25
N PRO A 38 9.87 -5.11 32.57
CA PRO A 38 8.95 -6.06 33.13
C PRO A 38 7.53 -5.57 32.96
N LEU A 39 6.64 -6.48 33.25
CA LEU A 39 5.21 -6.31 33.06
C LEU A 39 4.72 -5.03 33.77
N GLY A 40 5.02 -4.88 35.07
CA GLY A 40 4.66 -3.66 35.81
C GLY A 40 5.25 -2.32 35.38
N LYS A 41 6.34 -2.32 34.61
CA LYS A 41 6.98 -1.06 34.14
C LYS A 41 6.52 -0.60 32.76
N LEU A 42 5.77 -1.47 32.13
CA LEU A 42 5.15 -1.20 30.89
C LEU A 42 4.21 -0.02 31.04
N SER A 43 4.24 0.92 30.08
CA SER A 43 3.31 2.09 30.16
C SER A 43 2.88 2.64 28.80
N LYS A 44 1.82 3.42 28.81
CA LYS A 44 1.22 3.93 27.55
C LYS A 44 2.16 4.87 26.85
N ARG A 45 2.76 5.80 27.58
CA ARG A 45 3.66 6.76 26.90
C ARG A 45 4.89 6.09 26.31
N GLN A 46 5.40 5.03 26.92
CA GLN A 46 6.59 4.36 26.34
C GLN A 46 6.25 3.61 25.04
N ILE A 47 5.10 2.93 25.05
CA ILE A 47 4.56 2.24 23.89
C ILE A 47 4.30 3.25 22.78
N GLN A 48 3.65 4.38 23.13
CA GLN A 48 3.41 5.45 22.16
C GLN A 48 4.70 5.98 21.57
N ALA A 49 5.70 6.18 22.40
CA ALA A 49 6.94 6.64 21.89
C ALA A 49 7.55 5.57 20.96
N ALA A 50 7.39 4.30 21.28
CA ALA A 50 7.94 3.25 20.42
C ALA A 50 7.23 3.24 19.08
N TYR A 51 5.90 3.39 19.12
CA TYR A 51 5.14 3.53 17.90
C TYR A 51 5.71 4.65 17.00
N SER A 52 5.97 5.83 17.59
CA SER A 52 6.53 6.95 16.83
C SER A 52 7.84 6.62 16.14
N ILE A 53 8.74 5.97 16.86
CA ILE A 53 10.05 5.62 16.30
C ILE A 53 9.91 4.66 15.14
N LEU A 54 8.91 3.79 15.26
CA LEU A 54 8.61 2.82 14.26
C LEU A 54 8.06 3.54 13.05
N SER A 55 7.29 4.59 13.24
CA SER A 55 6.88 5.50 12.14
C SER A 55 8.09 6.18 11.46
N GLU A 56 9.12 6.51 12.23
CA GLU A 56 10.33 7.10 11.68
C GLU A 56 11.05 6.06 10.85
N VAL A 57 11.20 4.85 11.40
CA VAL A 57 11.76 3.74 10.65
C VAL A 57 10.93 3.47 9.35
N GLN A 58 9.61 3.62 9.42
CA GLN A 58 8.72 3.51 8.22
C GLN A 58 9.13 4.56 7.18
N GLN A 59 9.26 5.81 7.62
CA GLN A 59 9.67 6.96 6.79
C GLN A 59 10.98 6.67 6.05
N ALA A 60 12.00 6.21 6.78
CA ALA A 60 13.31 5.96 6.18
C ALA A 60 13.29 4.87 5.12
N VAL A 61 12.59 3.78 5.37
CA VAL A 61 12.51 2.66 4.40
C VAL A 61 11.70 3.00 3.12
N SER A 62 10.59 3.73 3.27
CA SER A 62 9.84 4.25 2.12
C SER A 62 10.76 4.95 1.13
N GLN A 63 11.57 5.87 1.64
CA GLN A 63 12.49 6.65 0.83
C GLN A 63 13.96 6.14 0.75
N GLY A 64 14.21 4.87 1.07
CA GLY A 64 15.56 4.27 0.98
C GLY A 64 16.61 4.93 1.85
N SER A 66 19.41 3.71 3.34
CA SER A 66 20.49 2.73 3.33
C SER A 66 20.62 2.11 4.71
N ASP A 67 21.47 1.10 4.86
CA ASP A 67 21.71 0.50 6.18
C ASP A 67 22.44 1.41 7.19
N SER A 68 23.05 2.49 6.71
CA SER A 68 23.72 3.48 7.57
C SER A 68 22.77 4.40 8.35
N GLN A 69 21.92 5.15 7.65
CA GLN A 69 20.98 6.08 8.32
C GLN A 69 19.80 5.32 8.96
N ILE A 70 19.58 4.09 8.52
CA ILE A 70 18.62 3.18 9.17
C ILE A 70 19.11 2.74 10.55
N LEU A 71 20.37 2.30 10.65
CA LEU A 71 20.93 1.77 11.93
C LEU A 71 20.48 2.57 13.13
N ASP A 72 20.62 3.88 13.04
CA ASP A 72 20.24 4.80 14.11
C ASP A 72 18.79 4.71 14.53
N LEU A 73 17.90 4.59 13.55
CA LEU A 73 16.46 4.61 13.82
C LEU A 73 16.05 3.31 14.45
N SER A 74 16.68 2.24 14.00
CA SER A 74 16.45 0.89 14.48
C SER A 74 16.89 0.71 15.95
N ASN A 75 18.11 1.12 16.23
CA ASN A 75 18.59 1.26 17.60
C ASN A 75 17.71 2.09 18.53
N ARG A 76 17.07 3.13 18.00
CA ARG A 76 16.25 3.98 18.87
C ARG A 76 14.99 3.24 19.28
N PHE A 77 14.46 2.39 18.40
CA PHE A 77 13.37 1.49 18.76
C PHE A 77 13.76 0.61 19.95
N TYR A 78 14.91 -0.02 19.84
CA TYR A 78 15.43 -0.92 20.89
C TYR A 78 15.80 -0.24 22.17
N THR A 79 16.09 1.04 22.10
CA THR A 79 16.24 1.83 23.29
C THR A 79 14.95 1.97 24.09
N LEU A 80 13.83 2.15 23.41
CA LEU A 80 12.54 2.36 24.09
C LEU A 80 11.88 1.06 24.55
N ILE A 81 11.92 0.02 23.72
CA ILE A 81 11.43 -1.30 24.11
C ILE A 81 12.60 -2.27 24.17
N PRO A 82 13.12 -2.52 25.39
CA PRO A 82 14.26 -3.47 25.54
C PRO A 82 14.00 -4.92 25.05
N HIS A 83 14.86 -5.38 24.15
CA HIS A 83 14.83 -6.73 23.66
C HIS A 83 15.95 -7.56 24.30
N ASP A 84 15.74 -8.86 24.38
CA ASP A 84 16.65 -9.77 25.09
C ASP A 84 17.65 -10.33 24.09
N PHE A 85 18.71 -9.56 23.86
CA PHE A 85 19.79 -10.03 23.00
C PHE A 85 21.15 -10.11 23.70
N GLY A 86 21.18 -10.04 25.03
CA GLY A 86 22.46 -10.14 25.76
C GLY A 86 23.47 -9.02 25.44
N MET A 87 24.69 -9.40 25.07
CA MET A 87 25.74 -8.46 24.61
C MET A 87 25.86 -8.41 23.08
N LYS A 88 24.81 -8.93 22.46
CA LYS A 88 24.12 -8.43 21.25
C LYS A 88 24.81 -7.86 20.03
N LYS A 89 24.40 -6.66 19.64
CA LYS A 89 23.96 -6.24 18.30
C LYS A 89 22.64 -6.90 17.89
N PRO A 90 21.54 -6.14 18.01
CA PRO A 90 20.22 -6.63 17.64
C PRO A 90 20.05 -6.61 16.14
N PRO A 91 19.07 -7.36 15.61
CA PRO A 91 18.92 -7.34 14.18
C PRO A 91 18.41 -5.99 13.72
N LEU A 92 18.82 -5.63 12.52
CA LEU A 92 18.50 -4.34 11.92
C LEU A 92 17.06 -4.34 11.45
N LEU A 93 16.29 -3.34 11.85
CA LEU A 93 14.92 -3.15 11.38
C LEU A 93 14.99 -2.37 10.09
N ASN A 94 15.02 -3.04 8.94
CA ASN A 94 15.30 -2.33 7.68
C ASN A 94 14.27 -2.47 6.58
N ASN A 95 13.14 -3.13 6.84
CA ASN A 95 12.11 -3.35 5.81
C ASN A 95 10.66 -3.31 6.35
N ALA A 96 9.70 -3.36 5.44
CA ALA A 96 8.29 -3.33 5.77
C ALA A 96 7.86 -4.51 6.68
N ASP A 97 8.51 -5.66 6.54
CA ASP A 97 8.18 -6.82 7.36
C ASP A 97 8.53 -6.58 8.81
N SER A 98 9.75 -6.08 9.05
CA SER A 98 10.18 -5.59 10.36
C SER A 98 9.23 -4.56 10.97
N VAL A 99 8.71 -3.63 10.17
CA VAL A 99 7.75 -2.65 10.70
C VAL A 99 6.37 -3.27 11.06
N GLN A 100 5.84 -4.13 10.18
CA GLN A 100 4.53 -4.76 10.45
C GLN A 100 4.65 -5.55 11.74
N ALA A 101 5.72 -6.34 11.81
CA ALA A 101 5.91 -7.25 12.91
C ALA A 101 6.03 -6.52 14.23
N LYS A 102 6.87 -5.48 14.31
CA LYS A 102 6.96 -4.70 15.54
C LYS A 102 5.71 -3.89 15.94
N ALA A 103 4.96 -3.41 14.95
CA ALA A 103 3.72 -2.68 15.23
C ALA A 103 2.62 -3.61 15.77
N GLU A 104 2.56 -4.84 15.26
CA GLU A 104 1.71 -5.86 15.85
C GLU A 104 2.09 -6.24 17.30
N MET A 105 3.38 -6.30 17.61
CA MET A 105 3.83 -6.47 18.99
C MET A 105 3.37 -5.35 19.92
N LEU A 106 3.50 -4.10 19.46
CA LEU A 106 3.10 -2.94 20.25
C LEU A 106 1.61 -2.91 20.48
N ASP A 107 0.81 -3.35 19.48
CA ASP A 107 -0.66 -3.49 19.67
C ASP A 107 -0.97 -4.38 20.87
N ASN A 108 -0.27 -5.51 20.93
CA ASN A 108 -0.48 -6.46 21.97
C ASN A 108 0.01 -5.95 23.36
N LEU A 109 1.11 -5.20 23.40
CA LEU A 109 1.64 -4.68 24.64
C LEU A 109 0.66 -3.68 25.20
N LEU A 110 0.05 -2.88 24.34
CA LEU A 110 -1.02 -2.00 24.81
C LEU A 110 -2.14 -2.73 25.55
N ASP A 111 -2.61 -3.88 25.03
CA ASP A 111 -3.65 -4.62 25.71
C ASP A 111 -3.16 -5.30 26.96
N ILE A 112 -1.93 -5.77 26.96
CA ILE A 112 -1.36 -6.34 28.17
C ILE A 112 -1.23 -5.26 29.26
N GLU A 113 -0.70 -4.09 28.90
CA GLU A 113 -0.68 -2.97 29.86
C GLU A 113 -2.09 -2.71 30.42
N VAL A 114 -3.10 -2.60 29.56
CA VAL A 114 -4.47 -2.43 30.08
C VAL A 114 -4.81 -3.53 31.09
N ALA A 115 -4.61 -4.79 30.70
CA ALA A 115 -4.96 -5.89 31.61
C ALA A 115 -4.22 -5.75 32.95
N TYR A 116 -2.93 -5.43 32.94
CA TYR A 116 -2.16 -5.38 34.17
C TYR A 116 -2.55 -4.18 35.04
N SER A 117 -2.94 -3.07 34.42
CA SER A 117 -3.38 -1.89 35.18
C SER A 117 -4.72 -2.15 35.88
N LEU A 118 -5.55 -2.97 35.28
CA LEU A 118 -6.78 -3.37 35.93
C LEU A 118 -6.40 -4.21 37.17
N LEU A 119 -5.47 -5.14 37.02
CA LEU A 119 -5.04 -5.96 38.18
C LEU A 119 -4.40 -5.15 39.33
N ARG A 120 -3.64 -4.12 39.01
CA ARG A 120 -2.90 -3.39 39.98
C ARG A 120 -3.65 -2.12 40.50
N GLY A 121 -4.63 -1.64 39.74
CA GLY A 121 -5.48 -0.57 40.16
C GLY A 121 -6.36 -1.31 41.18
N GLY A 122 -7.41 -0.70 41.63
CA GLY A 122 -8.37 -1.50 42.39
C GLY A 122 -7.97 -1.71 43.85
N SER A 123 -8.85 -2.41 44.54
CA SER A 123 -8.84 -2.60 45.97
C SER A 123 -8.53 -4.06 46.28
N ASP A 124 -8.06 -4.28 47.48
CA ASP A 124 -7.69 -5.62 47.89
C ASP A 124 -8.61 -6.03 49.02
N ASP A 125 -9.38 -7.11 48.82
CA ASP A 125 -10.29 -7.66 49.81
C ASP A 125 -10.28 -9.20 49.77
N SER A 126 -9.63 -9.81 50.79
CA SER A 126 -9.52 -11.27 50.98
C SER A 126 -10.81 -12.09 51.09
N SER A 127 -11.89 -11.49 51.53
CA SER A 127 -13.12 -12.22 51.68
C SER A 127 -13.93 -12.25 50.36
N LYS A 128 -13.49 -11.55 49.33
CA LYS A 128 -14.08 -11.74 47.99
C LYS A 128 -13.23 -12.68 47.19
N ASP A 129 -13.89 -13.42 46.31
CA ASP A 129 -13.22 -14.33 45.40
C ASP A 129 -12.63 -13.44 44.33
N PRO A 130 -11.30 -13.51 44.12
CA PRO A 130 -10.74 -12.67 43.10
C PRO A 130 -11.34 -12.89 41.69
N ILE A 131 -11.92 -14.06 41.41
CA ILE A 131 -12.64 -14.27 40.17
C ILE A 131 -13.79 -13.28 40.03
N ASP A 132 -14.54 -13.11 41.10
CA ASP A 132 -15.59 -12.10 41.09
C ASP A 132 -15.02 -10.68 40.94
N VAL A 133 -13.91 -10.39 41.62
CA VAL A 133 -13.31 -9.04 41.62
C VAL A 133 -12.88 -8.71 40.17
N ASN A 134 -12.17 -9.65 39.54
CA ASN A 134 -11.65 -9.47 38.21
C ASN A 134 -12.71 -9.40 37.13
N TYR A 135 -13.75 -10.22 37.25
CA TYR A 135 -14.90 -10.21 36.37
C TYR A 135 -15.42 -8.80 36.28
N GLU A 136 -15.67 -8.19 37.44
CA GLU A 136 -16.29 -6.84 37.54
C GLU A 136 -15.49 -5.76 36.86
N LYS A 137 -14.17 -5.93 36.85
CA LYS A 137 -13.32 -4.98 36.16
C LYS A 137 -13.48 -4.97 34.67
N LEU A 138 -14.09 -6.00 34.09
CA LEU A 138 -14.33 -6.04 32.67
C LEU A 138 -15.47 -5.14 32.21
N LYS A 139 -16.35 -4.77 33.11
CA LYS A 139 -17.53 -3.96 32.77
C LYS A 139 -18.28 -4.55 31.58
N THR A 140 -18.47 -5.86 31.62
CA THR A 140 -19.03 -6.66 30.54
C THR A 140 -19.95 -7.70 31.15
N ASP A 141 -21.20 -7.76 30.73
CA ASP A 141 -22.05 -8.89 31.12
C ASP A 141 -21.63 -10.12 30.29
N ILE A 142 -21.31 -11.23 30.93
CA ILE A 142 -20.93 -12.50 30.26
C ILE A 142 -21.81 -13.64 30.70
N LYS A 143 -22.58 -14.17 29.77
CA LYS A 143 -23.51 -15.28 30.07
C LYS A 143 -23.13 -16.46 29.20
N VAL A 144 -23.38 -17.66 29.69
CA VAL A 144 -23.14 -18.91 28.95
C VAL A 144 -24.33 -19.12 28.02
N VAL A 145 -24.08 -19.31 26.73
CA VAL A 145 -25.14 -19.62 25.80
C VAL A 145 -25.41 -21.14 25.89
N ASP A 146 -26.67 -21.53 25.94
CA ASP A 146 -27.06 -22.94 26.09
C ASP A 146 -26.78 -23.77 24.80
N ARG A 147 -26.13 -24.91 24.96
CA ARG A 147 -25.76 -25.75 23.81
C ARG A 147 -26.93 -26.10 22.86
N ASP A 148 -28.18 -26.17 23.35
CA ASP A 148 -29.38 -26.52 22.53
C ASP A 148 -30.19 -25.34 21.95
N SER A 149 -29.81 -24.11 22.28
CA SER A 149 -30.50 -22.94 21.73
C SER A 149 -30.28 -22.80 20.22
N GLU A 150 -31.10 -21.93 19.63
CA GLU A 150 -31.02 -21.69 18.22
C GLU A 150 -29.75 -20.95 17.88
N GLU A 151 -29.40 -19.97 18.74
CA GLU A 151 -28.20 -19.19 18.55
C GLU A 151 -26.93 -20.08 18.58
N ALA A 152 -26.89 -21.03 19.51
CA ALA A 152 -25.81 -22.02 19.59
C ALA A 152 -25.61 -22.81 18.31
N GLU A 153 -26.76 -23.23 17.71
CA GLU A 153 -26.78 -24.06 16.50
C GLU A 153 -26.20 -23.27 15.32
N ILE A 154 -26.63 -22.03 15.21
CA ILE A 154 -26.17 -21.09 14.16
C ILE A 154 -24.67 -20.81 14.28
N ILE A 155 -24.22 -20.52 15.49
CA ILE A 155 -22.78 -20.28 15.72
C ILE A 155 -21.96 -21.50 15.36
N ARG A 156 -22.33 -22.67 15.84
CA ARG A 156 -21.58 -23.87 15.52
C ARG A 156 -21.60 -24.19 14.02
N LYS A 157 -22.67 -23.85 13.31
CA LYS A 157 -22.69 -24.05 11.88
C LYS A 157 -21.68 -23.09 11.18
N TYR A 158 -21.58 -21.88 11.71
CA TYR A 158 -20.69 -20.87 11.16
C TYR A 158 -19.28 -21.38 11.24
N VAL A 159 -18.94 -21.81 12.44
CA VAL A 159 -17.69 -22.47 12.69
C VAL A 159 -17.51 -23.70 11.79
N LYS A 160 -18.54 -24.57 11.69
CA LYS A 160 -18.44 -25.81 10.89
C LYS A 160 -18.19 -25.53 9.39
N ASN A 161 -18.82 -24.51 8.82
CA ASN A 161 -18.78 -24.34 7.34
C ASN A 161 -17.66 -23.44 6.83
N THR A 162 -16.96 -22.70 7.72
CA THR A 162 -16.06 -21.67 7.24
C THR A 162 -14.64 -21.90 7.59
N HIS A 163 -14.25 -23.17 7.73
CA HIS A 163 -12.86 -23.56 7.91
C HIS A 163 -12.22 -23.76 6.52
N ALA A 164 -11.26 -22.90 6.16
CA ALA A 164 -10.64 -22.93 4.82
C ALA A 164 -9.79 -24.16 4.64
N THR A 165 -9.88 -24.74 3.45
CA THR A 165 -8.98 -25.85 3.10
C THR A 165 -7.51 -25.49 3.30
N THR A 166 -7.08 -24.27 2.95
CA THR A 166 -5.64 -23.95 3.13
C THR A 166 -5.19 -23.75 4.62
N HIS A 167 -6.11 -23.81 5.56
CA HIS A 167 -5.79 -23.74 6.97
C HIS A 167 -6.04 -25.11 7.60
N ASN A 168 -5.84 -26.17 6.82
CA ASN A 168 -6.16 -27.50 7.32
C ASN A 168 -5.14 -28.17 8.24
N ALA A 169 -4.11 -27.44 8.69
CA ALA A 169 -3.18 -27.96 9.66
C ALA A 169 -3.81 -28.15 11.04
N TYR A 170 -4.99 -27.59 11.27
CA TYR A 170 -5.71 -27.81 12.49
C TYR A 170 -7.17 -27.86 12.23
N ASP A 171 -7.96 -28.34 13.20
CA ASP A 171 -9.38 -28.05 13.26
C ASP A 171 -9.82 -27.59 14.67
N LEU A 172 -11.06 -27.11 14.72
CA LEU A 172 -11.62 -26.42 15.87
C LEU A 172 -12.78 -27.14 16.46
N GLU A 173 -12.83 -27.22 17.78
CA GLU A 173 -14.09 -27.51 18.44
C GLU A 173 -14.42 -26.40 19.39
N VAL A 174 -15.70 -26.09 19.40
CA VAL A 174 -16.25 -25.04 20.20
C VAL A 174 -16.40 -25.71 21.54
N ILE A 175 -15.75 -25.18 22.55
CA ILE A 175 -15.88 -25.62 23.97
C ILE A 175 -17.01 -24.85 24.68
N ASP A 176 -16.95 -23.52 24.62
CA ASP A 176 -17.95 -22.69 25.31
C ASP A 176 -18.32 -21.58 24.39
N ILE A 177 -19.60 -21.23 24.38
CA ILE A 177 -20.10 -20.05 23.71
C ILE A 177 -20.61 -19.09 24.79
N PHE A 178 -20.16 -17.83 24.76
CA PHE A 178 -20.62 -16.81 25.71
C PHE A 178 -21.31 -15.68 24.95
N LYS A 179 -22.39 -15.20 25.50
CA LYS A 179 -23.03 -14.00 25.04
C LYS A 179 -22.51 -12.84 25.92
N ILE A 180 -22.05 -11.79 25.27
CA ILE A 180 -21.34 -10.68 25.92
C ILE A 180 -21.95 -9.34 25.58
N GLU A 181 -21.98 -8.49 26.60
CA GLU A 181 -22.49 -7.16 26.46
C GLU A 181 -21.57 -6.19 27.20
N ARG A 182 -20.74 -5.50 26.43
CA ARG A 182 -19.81 -4.54 26.95
C ARG A 182 -20.63 -3.33 27.39
N GLU A 183 -20.44 -2.84 28.61
CA GLU A 183 -21.24 -1.74 29.15
C GLU A 183 -21.10 -0.48 28.25
N GLY A 184 -22.23 0.08 27.82
CA GLY A 184 -22.29 1.29 27.03
C GLY A 184 -22.12 1.03 25.53
N GLU A 185 -21.88 -0.23 25.13
CA GLU A 185 -21.46 -0.45 23.74
C GLU A 185 -22.67 -0.36 22.82
N CYS A 186 -23.80 -0.88 23.31
CA CYS A 186 -25.06 -0.85 22.55
C CYS A 186 -25.49 0.60 22.26
N GLN A 187 -25.29 1.43 23.26
CA GLN A 187 -25.56 2.85 23.17
C GLN A 187 -24.64 3.52 22.14
N ARG A 188 -23.34 3.24 22.22
CA ARG A 188 -22.38 3.67 21.22
C ARG A 188 -22.75 3.29 19.79
N TYR A 189 -23.31 2.10 19.62
CA TYR A 189 -23.69 1.53 18.33
C TYR A 189 -25.01 2.07 17.74
N LYS A 190 -25.79 2.79 18.56
CA LYS A 190 -27.14 3.21 18.13
C LYS A 190 -27.23 3.87 16.72
N PRO A 191 -26.34 4.82 16.40
CA PRO A 191 -26.36 5.37 15.04
C PRO A 191 -26.26 4.37 13.90
N PHE A 192 -25.63 3.24 14.14
CA PHE A 192 -25.37 2.24 13.08
C PHE A 192 -26.27 1.07 13.14
N LYS A 193 -27.20 1.04 14.08
CA LYS A 193 -27.86 -0.21 14.43
C LYS A 193 -28.84 -0.66 13.38
N GLN A 194 -29.23 0.25 12.49
CA GLN A 194 -30.20 -0.03 11.40
C GLN A 194 -29.56 0.10 10.01
N LEU A 195 -28.25 0.31 9.99
CA LEU A 195 -27.52 0.48 8.73
C LEU A 195 -27.61 -0.77 7.88
N HIS A 196 -27.57 -0.62 6.56
CA HIS A 196 -27.54 -1.80 5.67
C HIS A 196 -26.20 -2.50 5.77
N ASN A 197 -26.17 -3.73 5.33
CA ASN A 197 -24.94 -4.51 5.38
C ASN A 197 -24.31 -4.60 6.79
N ARG A 198 -25.15 -5.01 7.73
CA ARG A 198 -24.71 -5.37 9.05
C ARG A 198 -24.46 -6.87 8.95
N ARG A 199 -23.28 -7.30 9.40
CA ARG A 199 -22.85 -8.68 9.26
C ARG A 199 -22.21 -9.17 10.55
N LEU A 200 -22.45 -10.42 10.88
CA LEU A 200 -21.85 -11.05 12.02
C LEU A 200 -20.56 -11.66 11.56
N LEU A 201 -19.43 -11.20 12.09
CA LEU A 201 -18.12 -11.56 11.60
C LEU A 201 -17.20 -11.86 12.73
N TRP A 202 -16.14 -12.59 12.35
CA TRP A 202 -15.09 -13.04 13.27
C TRP A 202 -13.94 -12.03 13.51
N HIS A 203 -13.46 -12.01 14.74
CA HIS A 203 -12.22 -11.37 15.18
C HIS A 203 -11.48 -12.28 16.20
N GLY A 204 -10.35 -12.79 15.77
CA GLY A 204 -9.46 -13.57 16.61
C GLY A 204 -8.40 -12.69 17.17
N SER A 205 -8.01 -12.98 18.41
CA SER A 205 -6.84 -12.30 18.97
C SER A 205 -6.18 -13.23 19.95
N ARG A 206 -4.97 -12.93 20.37
CA ARG A 206 -4.42 -13.83 21.43
C ARG A 206 -5.11 -13.58 22.78
N THR A 207 -5.09 -14.61 23.58
CA THR A 207 -5.84 -14.66 24.78
C THR A 207 -5.46 -13.54 25.72
N THR A 208 -4.18 -13.16 25.73
CA THR A 208 -3.65 -12.05 26.56
C THR A 208 -4.10 -10.66 26.14
N ASN A 209 -4.83 -10.54 25.04
CA ASN A 209 -5.45 -9.28 24.66
C ASN A 209 -6.83 -9.10 25.17
N PHE A 210 -7.44 -10.19 25.63
CA PHE A 210 -8.90 -10.19 25.81
C PHE A 210 -9.42 -9.37 26.99
N ALA A 211 -8.60 -9.17 28.00
CA ALA A 211 -9.00 -8.34 29.10
C ALA A 211 -9.12 -6.92 28.60
N GLY A 212 -8.12 -6.49 27.82
CA GLY A 212 -8.20 -5.25 27.11
C GLY A 212 -9.37 -5.11 26.19
N ILE A 213 -9.60 -6.09 25.35
CA ILE A 213 -10.73 -6.01 24.41
C ILE A 213 -12.05 -5.91 25.18
N LEU A 214 -12.23 -6.66 26.27
CA LEU A 214 -13.54 -6.62 26.88
C LEU A 214 -13.75 -5.36 27.69
N SER A 215 -12.71 -4.80 28.30
CA SER A 215 -12.89 -3.57 29.04
C SER A 215 -12.99 -2.34 28.10
N GLN A 216 -12.18 -2.31 27.04
CA GLN A 216 -12.11 -1.13 26.14
C GLN A 216 -12.77 -1.34 24.74
N GLY A 217 -13.19 -2.56 24.43
CA GLY A 217 -13.68 -2.89 23.12
C GLY A 217 -12.53 -3.00 22.16
N LEU A 218 -12.88 -3.32 20.93
CA LEU A 218 -11.88 -3.41 19.86
C LEU A 218 -11.57 -1.99 19.55
N ARG A 219 -10.30 -1.71 19.34
CA ARG A 219 -9.81 -0.34 19.20
C ARG A 219 -8.99 -0.22 17.94
N ILE A 220 -8.88 1.02 17.48
CA ILE A 220 -8.03 1.40 16.36
C ILE A 220 -6.65 1.74 16.93
N ALA A 221 -5.60 1.45 16.16
CA ALA A 221 -4.21 1.73 16.61
C ALA A 221 -4.03 3.26 16.67
N PRO A 222 -3.26 3.76 17.64
CA PRO A 222 -3.18 5.25 17.84
C PRO A 222 -2.55 6.03 16.69
N PRO A 223 -2.70 7.38 16.70
CA PRO A 223 -2.09 8.22 15.69
C PRO A 223 -0.59 7.97 15.47
N GLU A 224 0.16 7.73 16.56
CA GLU A 224 1.62 7.44 16.49
C GLU A 224 2.03 6.17 15.72
N ALA A 225 1.15 5.18 15.71
CA ALA A 225 1.41 3.93 15.01
C ALA A 225 1.60 4.14 13.48
N PRO A 226 2.50 3.40 12.87
CA PRO A 226 2.73 3.51 11.45
C PRO A 226 1.58 2.90 10.63
N VAL A 227 0.84 3.72 9.92
CA VAL A 227 -0.27 3.22 9.11
C VAL A 227 0.12 2.11 8.10
N THR A 228 1.38 2.11 7.68
CA THR A 228 1.97 1.10 6.82
C THR A 228 2.15 -0.27 7.45
N GLY A 229 2.00 -0.35 8.76
CA GLY A 229 2.14 -1.63 9.43
C GLY A 229 0.90 -2.50 9.35
N TYR A 230 -0.15 -2.05 8.67
CA TYR A 230 -1.44 -2.69 8.56
C TYR A 230 -1.92 -2.58 7.07
N MET A 231 -2.27 -3.72 6.49
CA MET A 231 -2.57 -3.82 5.08
C MET A 231 -3.60 -2.85 4.54
N PHE A 232 -4.61 -2.54 5.34
CA PHE A 232 -5.64 -1.60 5.00
C PHE A 232 -5.65 -0.45 5.99
N GLY A 233 -4.50 -0.17 6.56
CA GLY A 233 -4.37 0.93 7.48
C GLY A 233 -5.01 0.64 8.81
N LYS A 234 -5.28 1.72 9.56
CA LYS A 234 -5.60 1.64 11.00
C LYS A 234 -7.12 1.54 11.24
N GLY A 235 -7.65 0.33 11.16
CA GLY A 235 -9.05 0.10 11.40
C GLY A 235 -9.16 -1.10 12.30
N ILE A 236 -10.35 -1.65 12.35
CA ILE A 236 -10.61 -2.91 13.12
C ILE A 236 -10.97 -3.93 12.07
N TYR A 237 -10.26 -5.05 12.11
CA TYR A 237 -10.25 -6.08 11.08
C TYR A 237 -11.10 -7.28 11.42
N PHE A 238 -11.87 -7.82 10.46
CA PHE A 238 -12.72 -8.98 10.64
C PHE A 238 -12.66 -9.94 9.49
N ALA A 239 -12.98 -11.20 9.74
CA ALA A 239 -13.16 -12.18 8.68
C ALA A 239 -14.51 -12.83 8.69
N ASP A 240 -14.92 -13.31 7.52
CA ASP A 240 -16.08 -14.19 7.37
C ASP A 240 -15.74 -15.69 7.37
N MET A 241 -14.46 -16.03 7.44
CA MET A 241 -14.01 -17.43 7.49
C MET A 241 -13.38 -17.58 8.88
N VAL A 242 -13.90 -18.49 9.69
CA VAL A 242 -13.44 -18.68 11.10
C VAL A 242 -11.95 -18.97 11.21
N SER A 243 -11.42 -19.75 10.28
CA SER A 243 -10.02 -20.16 10.32
C SER A 243 -9.11 -19.01 10.03
N LYS A 244 -9.56 -18.02 9.24
CA LYS A 244 -8.69 -16.88 8.99
C LYS A 244 -8.54 -16.08 10.32
N SER A 245 -9.63 -15.93 11.08
CA SER A 245 -9.58 -15.18 12.33
C SER A 245 -8.88 -16.04 13.35
N ALA A 246 -9.10 -17.36 13.30
CA ALA A 246 -8.55 -18.26 14.33
C ALA A 246 -7.04 -18.29 14.29
N ASN A 247 -6.45 -18.05 13.12
CA ASN A 247 -4.98 -17.99 13.02
C ASN A 247 -4.39 -16.89 13.87
N TYR A 248 -5.18 -15.82 14.14
CA TYR A 248 -4.73 -14.72 14.96
C TYR A 248 -4.75 -15.02 16.47
N CYS A 249 -5.31 -16.15 16.86
CA CYS A 249 -5.23 -16.60 18.25
C CYS A 249 -3.82 -16.96 18.63
N HIS A 250 -3.01 -17.38 17.65
CA HIS A 250 -1.64 -17.78 17.81
C HIS A 250 -1.48 -18.93 18.81
N THR A 251 -2.39 -19.89 18.70
CA THR A 251 -2.29 -21.14 19.40
C THR A 251 -1.24 -22.05 18.78
N SER A 252 -0.99 -23.19 19.39
CA SER A 252 0.09 -24.15 18.97
C SER A 252 0.06 -25.40 19.88
N GLN A 253 1.21 -26.05 20.03
CA GLN A 253 1.37 -27.14 20.97
C GLN A 253 1.93 -26.79 22.40
N GLY A 254 2.10 -25.53 22.79
CA GLY A 254 2.11 -25.10 24.24
C GLY A 254 1.27 -23.86 24.61
N ASP A 255 -0.04 -24.05 24.93
CA ASP A 255 -1.26 -23.09 24.87
C ASP A 255 -2.31 -23.43 23.70
N PRO A 256 -3.16 -24.45 23.91
CA PRO A 256 -3.97 -25.07 22.85
C PRO A 256 -5.38 -24.47 22.66
N ILE A 257 -5.80 -23.63 23.59
CA ILE A 257 -7.14 -23.12 23.68
C ILE A 257 -7.05 -21.66 23.20
N GLY A 258 -7.92 -21.24 22.32
CA GLY A 258 -7.95 -19.82 21.97
C GLY A 258 -9.29 -19.22 22.26
N LEU A 259 -9.36 -17.91 22.04
CA LEU A 259 -10.56 -17.13 22.18
C LEU A 259 -10.83 -16.40 20.86
N ILE A 260 -12.09 -16.40 20.45
CA ILE A 260 -12.47 -15.72 19.23
C ILE A 260 -13.77 -14.99 19.46
N LEU A 261 -13.89 -13.80 18.88
CA LEU A 261 -15.11 -12.99 18.93
C LEU A 261 -16.03 -13.09 17.70
N LEU A 262 -17.34 -12.87 17.94
CA LEU A 262 -18.29 -12.58 16.86
C LEU A 262 -18.92 -11.22 17.16
N GLY A 263 -18.68 -10.25 16.30
CA GLY A 263 -19.30 -8.92 16.41
C GLY A 263 -20.22 -8.67 15.25
N GLU A 264 -21.30 -7.91 15.54
CA GLU A 264 -22.10 -7.24 14.57
C GLU A 264 -21.36 -6.05 14.10
N VAL A 265 -21.01 -6.07 12.80
CA VAL A 265 -20.22 -5.05 12.18
C VAL A 265 -21.10 -4.35 11.14
N ALA A 266 -21.11 -3.01 11.22
CA ALA A 266 -21.88 -2.15 10.34
C ALA A 266 -21.06 -1.70 9.18
N LEU A 267 -21.16 -2.40 8.07
CA LEU A 267 -20.28 -2.21 6.94
C LEU A 267 -20.81 -1.18 5.99
N GLY A 268 -22.14 -1.08 5.83
CA GLY A 268 -22.76 -0.19 4.86
C GLY A 268 -22.11 -0.27 3.45
N ASN A 269 -21.84 0.87 2.86
CA ASN A 269 -21.18 0.98 1.56
C ASN A 269 -19.72 0.56 1.68
N MET A 270 -19.40 -0.61 1.14
CA MET A 270 -18.04 -1.12 1.17
C MET A 270 -17.22 -0.56 0.04
N TYR A 271 -16.00 -0.15 0.38
CA TYR A 271 -14.92 0.20 -0.54
C TYR A 271 -14.13 -1.09 -0.78
N GLU A 272 -14.36 -1.66 -1.95
CA GLU A 272 -13.89 -2.97 -2.28
C GLU A 272 -12.48 -2.81 -2.82
N LEU A 273 -11.51 -3.50 -2.21
CA LEU A 273 -10.11 -3.45 -2.65
C LEU A 273 -9.47 -4.83 -2.81
N LYS A 274 -8.53 -4.96 -3.73
CA LYS A 274 -7.79 -6.21 -3.95
C LYS A 274 -6.35 -6.23 -3.43
N HIS A 275 -5.77 -5.07 -3.20
CA HIS A 275 -4.40 -4.97 -2.70
C HIS A 275 -4.25 -3.97 -1.54
N ALA A 276 -3.08 -4.06 -0.91
CA ALA A 276 -2.69 -3.23 0.19
C ALA A 276 -3.00 -1.77 -0.16
N SER A 277 -3.66 -1.08 0.77
CA SER A 277 -3.96 0.36 0.66
C SER A 277 -3.90 0.94 2.05
N HIS A 278 -2.85 1.69 2.36
CA HIS A 278 -2.62 2.11 3.72
C HIS A 278 -3.29 3.42 3.91
N ILE A 279 -4.62 3.38 3.99
CA ILE A 279 -5.41 4.61 4.13
C ILE A 279 -5.58 4.97 5.62
N SER A 280 -5.74 6.27 5.88
CA SER A 280 -6.24 6.66 7.21
C SER A 280 -7.69 7.22 7.20
N LYS A 281 -8.21 7.61 6.04
CA LYS A 281 -9.67 7.80 5.91
C LYS A 281 -10.29 7.18 4.64
N LEU A 282 -11.57 6.85 4.74
CA LEU A 282 -12.29 6.28 3.61
C LEU A 282 -12.63 7.37 2.62
N PRO A 283 -12.78 7.02 1.34
CA PRO A 283 -13.46 7.93 0.40
C PRO A 283 -14.85 8.33 0.91
N LYS A 284 -15.21 9.58 0.71
CA LYS A 284 -16.55 10.05 1.07
C LYS A 284 -17.65 9.11 0.51
N GLY A 285 -18.60 8.75 1.37
CA GLY A 285 -19.68 7.89 1.00
C GLY A 285 -19.45 6.45 1.41
N LYS A 286 -18.19 6.02 1.63
CA LYS A 286 -17.90 4.65 2.07
C LYS A 286 -17.87 4.56 3.60
N HIS A 287 -18.36 3.45 4.14
CA HIS A 287 -18.35 3.15 5.55
C HIS A 287 -17.39 2.03 5.99
N SER A 288 -16.84 1.25 5.05
CA SER A 288 -15.92 0.18 5.42
C SER A 288 -15.01 -0.14 4.27
N VAL A 289 -14.03 -0.97 4.51
CA VAL A 289 -13.29 -1.60 3.46
C VAL A 289 -13.65 -3.09 3.48
N LYS A 290 -13.81 -3.63 2.28
CA LYS A 290 -13.86 -5.08 2.04
C LYS A 290 -12.65 -5.46 1.18
N GLY A 291 -11.74 -6.20 1.78
CA GLY A 291 -10.63 -6.81 1.06
C GLY A 291 -11.20 -8.02 0.35
N LEU A 292 -11.04 -8.07 -0.98
CA LEU A 292 -11.80 -9.02 -1.81
C LEU A 292 -11.05 -10.34 -1.90
N GLY A 293 -11.67 -11.38 -1.36
CA GLY A 293 -11.12 -12.69 -1.38
C GLY A 293 -11.42 -13.40 -2.69
N LYS A 294 -10.50 -14.30 -3.06
CA LYS A 294 -10.70 -15.25 -4.13
C LYS A 294 -11.81 -16.22 -3.79
N THR A 295 -11.96 -16.58 -2.51
CA THR A 295 -13.03 -17.42 -2.06
C THR A 295 -13.91 -16.67 -1.07
N THR A 296 -15.20 -16.97 -1.09
CA THR A 296 -16.21 -16.28 -0.29
C THR A 296 -17.20 -17.33 0.18
N PRO A 297 -17.82 -17.16 1.38
CA PRO A 297 -18.96 -17.95 1.82
C PRO A 297 -20.05 -17.84 0.80
N ASP A 298 -20.65 -18.98 0.48
CA ASP A 298 -21.65 -19.04 -0.56
C ASP A 298 -22.79 -18.06 -0.20
N PRO A 299 -22.91 -16.91 -0.93
CA PRO A 299 -23.90 -15.85 -0.62
C PRO A 299 -25.35 -16.31 -0.51
N SER A 300 -25.66 -17.41 -1.21
CA SER A 300 -26.99 -17.99 -1.20
C SER A 300 -27.36 -18.57 0.17
N ALA A 301 -26.35 -18.95 0.95
CA ALA A 301 -26.56 -19.56 2.28
C ALA A 301 -26.59 -18.58 3.46
N ASN A 302 -26.57 -17.27 3.20
CA ASN A 302 -26.67 -16.28 4.27
C ASN A 302 -27.92 -16.58 5.07
N ILE A 303 -27.78 -16.50 6.39
CA ILE A 303 -28.92 -16.73 7.27
C ILE A 303 -28.90 -15.59 8.28
N SER A 304 -30.01 -15.44 8.99
CA SER A 304 -30.24 -14.27 9.84
C SER A 304 -30.28 -14.68 11.29
N LEU A 305 -29.65 -13.88 12.16
CA LEU A 305 -29.68 -14.13 13.59
C LEU A 305 -29.93 -12.83 14.34
N ASP A 306 -31.14 -12.64 14.86
CA ASP A 306 -31.53 -11.36 15.49
C ASP A 306 -31.38 -10.15 14.55
N GLY A 307 -31.79 -10.35 13.29
CA GLY A 307 -31.75 -9.28 12.26
C GLY A 307 -30.39 -8.99 11.61
N VAL A 308 -29.36 -9.76 11.95
CA VAL A 308 -28.02 -9.54 11.38
C VAL A 308 -27.68 -10.67 10.38
N ASP A 309 -27.16 -10.38 9.20
CA ASP A 309 -26.74 -11.45 8.28
C ASP A 309 -25.59 -12.25 8.86
N VAL A 310 -25.68 -13.57 8.78
CA VAL A 310 -24.60 -14.49 9.13
C VAL A 310 -24.18 -15.18 7.85
N PRO A 311 -22.98 -14.81 7.31
CA PRO A 311 -22.48 -15.45 6.10
C PRO A 311 -21.80 -16.81 6.35
N LEU A 312 -22.61 -17.79 6.71
CA LEU A 312 -22.10 -19.10 7.12
C LEU A 312 -22.08 -20.13 5.97
N GLY A 313 -22.23 -19.76 4.71
CA GLY A 313 -22.08 -20.75 3.61
C GLY A 313 -20.65 -21.29 3.47
N THR A 314 -20.50 -22.48 2.86
CA THR A 314 -19.19 -23.04 2.57
C THR A 314 -18.53 -22.22 1.49
N GLY A 315 -17.20 -22.22 1.46
CA GLY A 315 -16.51 -21.33 0.56
C GLY A 315 -16.62 -21.75 -0.90
N ILE A 316 -16.93 -20.80 -1.79
CA ILE A 316 -16.93 -20.99 -3.27
C ILE A 316 -16.11 -19.85 -3.89
N SER A 317 -15.89 -19.96 -5.20
CA SER A 317 -15.21 -18.92 -5.93
C SER A 317 -16.02 -17.60 -5.83
N SER A 318 -15.32 -16.51 -5.45
CA SER A 318 -15.91 -15.16 -5.53
C SER A 318 -16.07 -14.65 -6.97
N GLY A 319 -15.18 -15.08 -7.85
CA GLY A 319 -15.11 -14.58 -9.22
C GLY A 319 -14.12 -13.41 -9.35
N VAL A 320 -13.50 -12.98 -8.25
CA VAL A 320 -12.56 -11.89 -8.29
C VAL A 320 -11.24 -12.44 -8.77
N ASN A 321 -10.55 -11.71 -9.64
CA ASN A 321 -9.40 -12.29 -10.36
C ASN A 321 -7.99 -12.10 -9.76
N ASP A 322 -7.50 -10.90 -9.67
CA ASP A 322 -6.05 -10.76 -9.45
C ASP A 322 -5.92 -10.12 -8.08
N THR A 323 -6.37 -10.84 -7.07
CA THR A 323 -6.48 -10.29 -5.75
C THR A 323 -5.34 -10.82 -4.94
N SER A 324 -4.92 -10.05 -3.95
CA SER A 324 -3.84 -10.45 -3.03
C SER A 324 -4.36 -11.39 -1.98
N LEU A 325 -5.68 -11.50 -1.84
CA LEU A 325 -6.27 -12.15 -0.67
C LEU A 325 -6.93 -13.44 -1.10
N LEU A 326 -6.74 -14.50 -0.34
CA LEU A 326 -7.42 -15.78 -0.62
C LEU A 326 -8.85 -15.74 -0.07
N TYR A 327 -9.06 -14.93 0.99
CA TYR A 327 -10.39 -14.81 1.64
C TYR A 327 -10.69 -13.37 1.97
N ASN A 328 -11.96 -13.13 2.26
CA ASN A 328 -12.45 -11.82 2.50
C ASN A 328 -11.88 -11.28 3.79
N GLU A 329 -11.82 -9.96 3.84
CA GLU A 329 -11.38 -9.20 5.01
C GLU A 329 -12.30 -7.99 5.11
N TYR A 330 -12.71 -7.61 6.30
CA TYR A 330 -13.57 -6.45 6.47
C TYR A 330 -12.95 -5.49 7.47
N ILE A 331 -12.92 -4.20 7.15
CA ILE A 331 -12.26 -3.24 7.99
C ILE A 331 -13.14 -2.02 8.19
N VAL A 332 -13.39 -1.69 9.47
CA VAL A 332 -14.03 -0.42 9.80
C VAL A 332 -13.09 0.49 10.50
N TYR A 333 -13.38 1.76 10.40
CA TYR A 333 -12.48 2.83 10.82
C TYR A 333 -13.08 3.74 11.91
N ASP A 334 -14.23 3.35 12.48
CA ASP A 334 -14.81 4.03 13.62
C ASP A 334 -15.22 2.94 14.59
N ILE A 335 -14.72 2.99 15.84
CA ILE A 335 -14.99 1.99 16.85
C ILE A 335 -16.48 1.79 17.14
N ALA A 336 -17.30 2.79 16.87
CA ALA A 336 -18.73 2.67 17.16
C ALA A 336 -19.49 1.79 16.20
N GLN A 337 -18.85 1.29 15.12
CA GLN A 337 -19.49 0.49 14.10
C GLN A 337 -19.46 -1.01 14.41
N VAL A 338 -18.96 -1.33 15.57
CA VAL A 338 -18.87 -2.71 16.09
C VAL A 338 -19.70 -2.86 17.38
N ASN A 339 -20.42 -3.95 17.48
CA ASN A 339 -21.08 -4.31 18.69
C ASN A 339 -20.75 -5.77 18.93
N LEU A 340 -19.97 -6.03 19.96
CA LEU A 340 -19.50 -7.38 20.25
C LEU A 340 -20.70 -8.20 20.76
N LYS A 341 -20.86 -9.42 20.25
CA LYS A 341 -22.05 -10.23 20.52
C LYS A 341 -21.73 -11.57 21.20
N TYR A 342 -20.65 -12.20 20.76
CA TYR A 342 -20.27 -13.48 21.29
C TYR A 342 -18.79 -13.63 21.42
N LEU A 343 -18.44 -14.52 22.35
CA LEU A 343 -17.08 -14.97 22.61
C LEU A 343 -17.08 -16.51 22.67
N LEU A 344 -16.23 -17.12 21.86
CA LEU A 344 -16.06 -18.58 21.84
C LEU A 344 -14.69 -18.95 22.36
N LYS A 345 -14.69 -19.98 23.17
CA LYS A 345 -13.49 -20.65 23.59
C LYS A 345 -13.30 -21.86 22.70
N LEU A 346 -12.16 -21.92 22.06
CA LEU A 346 -11.90 -22.94 21.05
C LEU A 346 -10.77 -23.87 21.41
N LYS A 347 -10.94 -25.16 21.12
CA LYS A 347 -9.82 -26.09 21.14
C LYS A 347 -9.33 -26.28 19.74
N PHE A 348 -8.02 -26.13 19.56
CA PHE A 348 -7.34 -26.33 18.28
C PHE A 348 -6.76 -27.74 18.35
N ASN A 349 -7.18 -28.62 17.45
CA ASN A 349 -6.55 -29.91 17.21
C ASN A 349 -5.54 -29.79 16.10
N PHE A 350 -4.28 -29.76 16.46
CA PHE A 350 -3.20 -29.64 15.50
C PHE A 350 -2.86 -31.00 14.90
N LYS A 351 -3.14 -31.15 13.60
CA LYS A 351 -2.99 -32.44 12.91
C LYS A 351 -1.53 -32.80 12.64
N THR A 352 -0.71 -31.78 12.44
CA THR A 352 0.71 -31.97 12.37
C THR A 352 1.23 -32.16 13.80
N HIS B 1 19.58 13.58 -50.25
CA HIS B 1 18.19 13.90 -49.79
C HIS B 1 17.97 15.40 -49.68
N MET B 2 16.72 15.80 -49.45
CA MET B 2 16.33 17.22 -49.29
C MET B 2 16.75 17.85 -47.95
N LYS B 3 17.46 17.10 -47.09
CA LYS B 3 18.18 17.66 -45.94
C LYS B 3 17.31 18.19 -44.76
N SER B 4 16.02 18.40 -44.97
CA SER B 4 15.09 18.77 -43.90
C SER B 4 15.17 20.24 -43.56
N LYS B 5 14.01 20.87 -43.55
CA LYS B 5 13.87 22.28 -43.27
C LYS B 5 13.29 22.51 -41.90
N LEU B 6 13.19 21.46 -41.08
CA LEU B 6 12.72 21.61 -39.68
C LEU B 6 13.64 22.49 -38.86
N PRO B 7 13.06 23.26 -37.92
CA PRO B 7 13.96 24.03 -37.06
C PRO B 7 15.05 23.13 -36.44
N LYS B 8 16.27 23.68 -36.30
CA LYS B 8 17.40 22.96 -35.76
C LYS B 8 17.12 22.30 -34.38
N PRO B 9 16.48 23.03 -33.43
CA PRO B 9 16.18 22.35 -32.16
C PRO B 9 15.21 21.17 -32.32
N VAL B 10 14.35 21.17 -33.33
CA VAL B 10 13.43 20.05 -33.56
C VAL B 10 14.22 18.90 -34.17
N GLN B 11 15.10 19.17 -35.12
CA GLN B 11 15.94 18.10 -35.68
C GLN B 11 16.81 17.41 -34.61
N ASP B 12 17.40 18.20 -33.72
CA ASP B 12 18.19 17.65 -32.61
C ASP B 12 17.35 16.82 -31.69
N LEU B 13 16.14 17.28 -31.40
CA LEU B 13 15.21 16.50 -30.58
C LEU B 13 14.90 15.15 -31.23
N ILE B 14 14.69 15.14 -32.54
CA ILE B 14 14.37 13.88 -33.22
C ILE B 14 15.55 12.92 -33.16
N LYS B 15 16.74 13.44 -33.41
CA LYS B 15 17.97 12.62 -33.39
C LYS B 15 18.13 11.98 -32.06
N MET B 16 18.03 12.81 -31.02
CA MET B 16 18.18 12.36 -29.64
C MET B 16 17.14 11.28 -29.29
N ILE B 17 15.87 11.42 -29.71
CA ILE B 17 14.89 10.39 -29.27
C ILE B 17 14.89 9.14 -30.11
N PHE B 18 15.38 9.18 -31.35
CA PHE B 18 15.48 7.98 -32.13
C PHE B 18 16.87 7.37 -32.20
N ASP B 19 17.76 7.77 -31.32
CA ASP B 19 19.13 7.25 -31.37
C ASP B 19 19.22 5.81 -30.86
N VAL B 20 19.55 4.90 -31.76
CA VAL B 20 19.74 3.46 -31.45
C VAL B 20 20.78 3.13 -30.36
N GLU B 21 21.90 3.82 -30.38
CA GLU B 21 22.95 3.57 -29.39
C GLU B 21 22.58 3.95 -27.98
N SER B 22 21.79 5.01 -27.81
CA SER B 22 21.18 5.29 -26.53
C SER B 22 20.26 4.14 -26.11
N MET B 23 19.50 3.57 -27.04
CA MET B 23 18.67 2.41 -26.73
C MET B 23 19.51 1.26 -26.16
N LYS B 24 20.55 0.89 -26.92
CA LYS B 24 21.48 -0.18 -26.53
C LYS B 24 22.14 0.11 -25.21
N LYS B 25 22.70 1.31 -25.08
CA LYS B 25 23.26 1.84 -23.84
C LYS B 25 22.33 1.78 -22.63
N ALA B 26 21.02 2.02 -22.82
CA ALA B 26 20.07 1.93 -21.67
C ALA B 26 19.89 0.46 -21.21
N MET B 27 19.88 -0.45 -22.17
CA MET B 27 19.81 -1.87 -21.91
C MET B 27 21.06 -2.39 -21.18
N VAL B 28 22.26 -1.86 -21.47
CA VAL B 28 23.43 -2.28 -20.66
C VAL B 28 23.46 -1.67 -19.24
N GLU B 29 23.00 -0.45 -19.03
CA GLU B 29 22.84 0.08 -17.67
C GLU B 29 22.00 -0.81 -16.77
N TYR B 30 20.98 -1.47 -17.34
CA TYR B 30 20.23 -2.52 -16.64
C TYR B 30 20.94 -3.88 -16.57
N GLU B 31 22.08 -4.00 -17.27
CA GLU B 31 22.94 -5.18 -17.26
C GLU B 31 22.30 -6.32 -18.02
N ILE B 32 21.51 -5.96 -19.01
CA ILE B 32 20.93 -6.90 -19.94
C ILE B 32 22.04 -7.37 -20.87
N ASP B 33 22.01 -8.65 -21.23
CA ASP B 33 23.05 -9.24 -22.04
C ASP B 33 22.71 -8.97 -23.49
N LEU B 34 23.30 -7.92 -24.06
CA LEU B 34 23.09 -7.57 -25.48
C LEU B 34 23.54 -8.66 -26.41
N GLN B 35 24.64 -9.31 -26.06
CA GLN B 35 25.15 -10.47 -26.79
C GLN B 35 24.05 -11.56 -26.87
N LYS B 36 23.35 -11.83 -25.76
CA LYS B 36 22.25 -12.81 -25.72
C LYS B 36 20.87 -12.24 -26.18
N MET B 37 20.61 -11.00 -25.80
CA MET B 37 19.30 -10.33 -25.97
C MET B 37 19.58 -9.01 -26.70
N PRO B 38 19.88 -9.08 -28.02
CA PRO B 38 20.11 -7.82 -28.74
C PRO B 38 18.84 -7.01 -28.99
N LEU B 39 19.02 -5.72 -29.25
CA LEU B 39 17.92 -4.78 -29.41
C LEU B 39 16.83 -5.25 -30.35
N GLY B 40 17.19 -5.70 -31.54
CA GLY B 40 16.20 -6.23 -32.50
C GLY B 40 15.49 -7.52 -32.11
N LYS B 41 15.96 -8.20 -31.06
CA LYS B 41 15.27 -9.38 -30.50
C LYS B 41 14.34 -9.05 -29.34
N LEU B 42 14.50 -7.87 -28.70
CA LEU B 42 13.56 -7.40 -27.67
C LEU B 42 12.18 -7.40 -28.27
N SER B 43 11.21 -8.15 -27.70
CA SER B 43 9.84 -8.14 -28.23
C SER B 43 8.76 -7.84 -27.24
N LYS B 44 7.61 -7.49 -27.79
CA LYS B 44 6.45 -7.07 -27.02
C LYS B 44 5.93 -8.20 -26.13
N ARG B 45 5.75 -9.37 -26.70
CA ARG B 45 5.25 -10.50 -25.90
C ARG B 45 6.28 -11.04 -24.89
N GLN B 46 7.56 -10.80 -25.12
CA GLN B 46 8.59 -11.10 -24.10
C GLN B 46 8.38 -10.26 -22.88
N ILE B 47 8.23 -8.98 -23.12
CA ILE B 47 7.99 -8.01 -22.08
C ILE B 47 6.69 -8.27 -21.30
N GLN B 48 5.62 -8.63 -22.02
CA GLN B 48 4.35 -8.97 -21.37
C GLN B 48 4.51 -10.21 -20.52
N ALA B 49 5.23 -11.19 -21.03
CA ALA B 49 5.50 -12.41 -20.29
C ALA B 49 6.31 -12.16 -19.03
N ALA B 50 7.30 -11.28 -19.13
CA ALA B 50 8.12 -10.86 -17.98
C ALA B 50 7.31 -10.13 -16.91
N TYR B 51 6.40 -9.25 -17.35
CA TYR B 51 5.41 -8.65 -16.46
C TYR B 51 4.53 -9.69 -15.69
N SER B 52 4.08 -10.74 -16.37
CA SER B 52 3.28 -11.80 -15.75
C SER B 52 4.06 -12.54 -14.71
N ILE B 53 5.35 -12.77 -14.94
CA ILE B 53 6.22 -13.38 -13.92
C ILE B 53 6.27 -12.49 -12.68
N LEU B 54 6.44 -11.19 -12.89
CA LEU B 54 6.46 -10.25 -11.79
C LEU B 54 5.17 -10.27 -11.02
N SER B 55 4.03 -10.38 -11.75
CA SER B 55 2.73 -10.56 -11.13
C SER B 55 2.59 -11.83 -10.36
N GLU B 56 3.15 -12.91 -10.90
CA GLU B 56 3.22 -14.18 -10.18
C GLU B 56 3.93 -14.03 -8.87
N VAL B 57 5.02 -13.27 -8.91
CA VAL B 57 5.81 -13.04 -7.73
C VAL B 57 4.99 -12.29 -6.71
N GLN B 58 4.40 -11.18 -7.12
CA GLN B 58 3.46 -10.42 -6.28
C GLN B 58 2.44 -11.36 -5.63
N GLN B 59 1.82 -12.23 -6.40
CA GLN B 59 0.81 -13.15 -5.88
C GLN B 59 1.36 -14.19 -4.85
N ALA B 60 2.51 -14.73 -5.16
CA ALA B 60 3.20 -15.65 -4.26
C ALA B 60 3.60 -14.96 -2.96
N VAL B 61 4.19 -13.76 -3.02
CA VAL B 61 4.47 -13.02 -1.78
C VAL B 61 3.21 -12.87 -0.92
N SER B 62 2.04 -12.63 -1.52
CA SER B 62 0.86 -12.50 -0.67
C SER B 62 0.50 -13.76 0.14
N GLN B 63 1.37 -14.80 0.20
CA GLN B 63 1.29 -15.88 1.23
C GLN B 63 2.61 -16.56 1.72
N GLY B 64 3.15 -16.06 2.83
CA GLY B 64 4.21 -16.75 3.60
C GLY B 64 5.61 -16.30 3.25
N SER B 66 8.10 -17.30 1.53
CA SER B 66 8.30 -18.67 1.08
C SER B 66 8.89 -18.62 -0.33
N ASP B 67 10.20 -18.30 -0.35
CA ASP B 67 10.95 -18.11 -1.59
C ASP B 67 11.43 -19.40 -2.26
N SER B 68 10.81 -20.56 -2.03
CA SER B 68 11.15 -21.71 -2.88
C SER B 68 10.63 -21.34 -4.25
N GLN B 69 9.35 -21.00 -4.30
CA GLN B 69 8.68 -20.64 -5.53
C GLN B 69 9.13 -19.26 -6.04
N ILE B 70 9.34 -18.33 -5.12
CA ILE B 70 9.84 -17.01 -5.49
C ILE B 70 11.24 -17.08 -6.12
N LEU B 71 12.10 -17.98 -5.64
CA LEU B 71 13.42 -18.22 -6.28
C LEU B 71 13.23 -18.64 -7.69
N ASP B 72 12.46 -19.69 -7.89
CA ASP B 72 12.20 -20.22 -9.24
C ASP B 72 11.73 -19.08 -10.12
N LEU B 73 10.81 -18.27 -9.60
CA LEU B 73 10.23 -17.17 -10.39
C LEU B 73 11.30 -16.13 -10.74
N SER B 74 12.16 -15.87 -9.75
CA SER B 74 13.33 -15.04 -9.97
C SER B 74 14.28 -15.59 -11.03
N ASN B 75 14.66 -16.85 -10.91
CA ASN B 75 15.47 -17.50 -11.97
C ASN B 75 14.81 -17.40 -13.37
N ARG B 76 13.52 -17.69 -13.47
CA ARG B 76 12.85 -17.57 -14.76
C ARG B 76 12.88 -16.16 -15.40
N PHE B 77 12.73 -15.10 -14.59
CA PHE B 77 12.80 -13.75 -15.08
C PHE B 77 14.14 -13.54 -15.76
N TYR B 78 15.21 -14.00 -15.11
CA TYR B 78 16.58 -13.84 -15.61
C TYR B 78 16.95 -14.79 -16.74
N THR B 79 16.10 -15.77 -16.98
CA THR B 79 16.16 -16.63 -18.16
C THR B 79 15.42 -15.94 -19.32
N LEU B 80 14.24 -15.38 -19.02
CA LEU B 80 13.44 -14.64 -20.01
C LEU B 80 14.13 -13.41 -20.59
N ILE B 81 14.75 -12.66 -19.69
CA ILE B 81 15.49 -11.46 -20.02
C ILE B 81 16.92 -11.76 -19.61
N PRO B 82 17.78 -12.16 -20.57
CA PRO B 82 19.14 -12.57 -20.19
C PRO B 82 19.96 -11.39 -19.75
N HIS B 83 20.61 -11.52 -18.61
CA HIS B 83 21.40 -10.48 -17.98
C HIS B 83 22.86 -10.89 -17.92
N ASP B 84 23.73 -9.88 -17.91
CA ASP B 84 25.19 -10.03 -17.90
C ASP B 84 25.73 -9.24 -16.71
N PHE B 85 25.59 -9.86 -15.55
CA PHE B 85 26.53 -9.70 -14.46
C PHE B 85 27.68 -10.63 -14.83
N GLY B 86 27.33 -11.69 -15.59
CA GLY B 86 28.25 -12.58 -16.29
C GLY B 86 27.59 -13.48 -17.36
N MET B 87 27.30 -14.74 -16.98
CA MET B 87 26.69 -15.74 -17.88
C MET B 87 25.38 -16.31 -17.27
N LYS B 88 24.54 -15.43 -16.72
CA LYS B 88 23.20 -15.74 -16.12
C LYS B 88 23.24 -16.43 -14.73
N LYS B 89 22.28 -16.00 -13.88
CA LYS B 89 22.22 -16.15 -12.38
C LYS B 89 22.73 -14.84 -11.68
N PRO B 90 21.84 -13.83 -11.40
CA PRO B 90 22.18 -12.71 -10.49
C PRO B 90 21.13 -12.31 -9.40
N PRO B 91 21.39 -11.22 -8.63
CA PRO B 91 20.52 -10.52 -7.64
C PRO B 91 18.95 -10.50 -7.68
N LEU B 92 18.32 -10.77 -6.53
CA LEU B 92 17.07 -11.56 -6.42
C LEU B 92 15.68 -10.85 -6.32
N LEU B 93 14.67 -11.45 -6.95
CA LEU B 93 13.29 -10.90 -6.96
C LEU B 93 12.40 -11.44 -5.88
N ASN B 94 12.69 -11.11 -4.64
CA ASN B 94 11.99 -11.77 -3.55
C ASN B 94 10.98 -10.89 -2.80
N ASN B 95 10.93 -9.60 -3.12
CA ASN B 95 10.26 -8.59 -2.29
C ASN B 95 9.73 -7.40 -3.07
N ALA B 96 9.02 -6.53 -2.35
CA ALA B 96 8.44 -5.30 -2.89
C ALA B 96 9.40 -4.44 -3.70
N ASP B 97 10.54 -4.06 -3.14
CA ASP B 97 11.51 -3.23 -3.86
C ASP B 97 12.02 -3.81 -5.18
N SER B 98 12.13 -5.15 -5.22
CA SER B 98 12.69 -5.89 -6.34
C SER B 98 11.76 -5.85 -7.48
N VAL B 99 10.50 -6.14 -7.16
CA VAL B 99 9.44 -6.17 -8.14
C VAL B 99 9.22 -4.78 -8.75
N GLN B 100 9.30 -3.72 -7.92
CA GLN B 100 9.08 -2.39 -8.43
C GLN B 100 10.18 -2.01 -9.39
N ALA B 101 11.42 -2.26 -8.98
CA ALA B 101 12.56 -1.94 -9.84
C ALA B 101 12.46 -2.69 -11.18
N LYS B 102 12.10 -3.97 -11.14
CA LYS B 102 11.93 -4.68 -12.41
C LYS B 102 10.76 -4.17 -13.24
N ALA B 103 9.66 -3.79 -12.57
CA ALA B 103 8.46 -3.29 -13.26
C ALA B 103 8.79 -2.00 -13.97
N GLU B 104 9.54 -1.16 -13.28
CA GLU B 104 10.09 0.06 -13.85
C GLU B 104 10.99 -0.21 -15.07
N MET B 105 11.91 -1.16 -14.93
CA MET B 105 12.77 -1.48 -16.04
C MET B 105 11.93 -1.91 -17.24
N LEU B 106 10.87 -2.68 -17.02
CA LEU B 106 10.05 -3.22 -18.10
C LEU B 106 9.19 -2.13 -18.79
N ASP B 107 8.64 -1.20 -18.00
CA ASP B 107 8.03 0.02 -18.52
C ASP B 107 9.02 0.65 -19.54
N ASN B 108 10.25 0.81 -19.12
CA ASN B 108 11.25 1.43 -19.96
C ASN B 108 11.55 0.61 -21.20
N LEU B 109 11.71 -0.70 -21.02
CA LEU B 109 11.88 -1.57 -22.18
C LEU B 109 10.71 -1.58 -23.16
N LEU B 110 9.47 -1.44 -22.69
CA LEU B 110 8.27 -1.43 -23.55
C LEU B 110 8.37 -0.27 -24.56
N ASP B 111 8.75 0.90 -24.07
CA ASP B 111 8.87 2.07 -24.93
C ASP B 111 10.05 2.01 -25.85
N ILE B 112 11.13 1.39 -25.41
CA ILE B 112 12.25 1.09 -26.32
C ILE B 112 11.84 0.18 -27.48
N GLU B 113 11.01 -0.84 -27.23
CA GLU B 113 10.57 -1.74 -28.31
C GLU B 113 9.67 -0.94 -29.23
N VAL B 114 8.81 -0.11 -28.64
CA VAL B 114 7.93 0.77 -29.43
C VAL B 114 8.77 1.61 -30.39
N ALA B 115 9.88 2.16 -29.89
CA ALA B 115 10.71 3.10 -30.67
C ALA B 115 11.45 2.36 -31.77
N TYR B 116 12.12 1.26 -31.42
CA TYR B 116 12.82 0.47 -32.43
C TYR B 116 11.87 -0.05 -33.49
N SER B 117 10.65 -0.43 -33.13
CA SER B 117 9.70 -0.93 -34.11
C SER B 117 9.15 0.17 -35.01
N LEU B 118 8.95 1.37 -34.47
CA LEU B 118 8.57 2.52 -35.31
C LEU B 118 9.64 2.75 -36.36
N LEU B 119 10.88 2.68 -35.93
CA LEU B 119 12.05 2.99 -36.74
C LEU B 119 12.26 1.94 -37.86
N ARG B 120 12.06 0.68 -37.52
CA ARG B 120 12.11 -0.42 -38.50
C ARG B 120 10.82 -0.61 -39.27
N GLY B 121 9.71 -0.03 -38.85
CA GLY B 121 8.46 -0.14 -39.64
C GLY B 121 8.31 0.92 -40.74
N GLY B 122 7.12 0.93 -41.31
CA GLY B 122 6.78 1.90 -42.32
C GLY B 122 7.43 1.68 -43.69
N SER B 123 7.59 2.80 -44.40
CA SER B 123 8.19 2.87 -45.73
C SER B 123 9.59 3.49 -45.71
N ASP B 124 10.45 2.94 -46.56
CA ASP B 124 11.79 3.41 -46.77
C ASP B 124 11.73 4.31 -48.00
N ASP B 125 12.12 5.56 -47.86
CA ASP B 125 12.32 6.46 -49.01
C ASP B 125 13.63 7.26 -48.84
N SER B 126 14.69 6.81 -49.52
CA SER B 126 16.01 7.50 -49.48
C SER B 126 15.98 8.93 -50.02
N SER B 127 14.95 9.31 -50.77
CA SER B 127 14.82 10.69 -51.24
C SER B 127 14.45 11.69 -50.11
N LYS B 128 14.14 11.18 -48.91
CA LYS B 128 13.74 12.00 -47.76
C LYS B 128 14.79 11.92 -46.68
N ASP B 129 15.03 13.06 -46.05
CA ASP B 129 15.99 13.11 -44.94
C ASP B 129 15.42 12.18 -43.85
N PRO B 130 16.23 11.24 -43.32
CA PRO B 130 15.62 10.39 -42.31
C PRO B 130 15.03 11.18 -41.11
N ILE B 131 15.58 12.35 -40.79
CA ILE B 131 14.96 13.21 -39.75
C ILE B 131 13.52 13.55 -40.04
N ASP B 132 13.22 13.84 -41.30
CA ASP B 132 11.86 14.14 -41.70
C ASP B 132 11.03 12.87 -41.60
N VAL B 133 11.58 11.72 -41.97
CA VAL B 133 10.86 10.43 -41.86
C VAL B 133 10.44 10.11 -40.40
N ASN B 134 11.38 10.27 -39.50
CA ASN B 134 11.19 10.04 -38.09
C ASN B 134 10.26 11.03 -37.46
N TYR B 135 10.36 12.31 -37.84
CA TYR B 135 9.42 13.28 -37.32
C TYR B 135 8.00 12.86 -37.61
N GLU B 136 7.75 12.45 -38.86
CA GLU B 136 6.43 11.99 -39.32
C GLU B 136 5.93 10.80 -38.49
N LYS B 137 6.83 9.87 -38.20
CA LYS B 137 6.44 8.66 -37.44
C LYS B 137 5.90 8.96 -36.07
N LEU B 138 6.30 10.09 -35.48
CA LEU B 138 5.78 10.52 -34.19
C LEU B 138 4.34 11.01 -34.15
N LYS B 139 3.76 11.36 -35.29
CA LYS B 139 2.36 11.83 -35.35
C LYS B 139 2.07 12.94 -34.34
N THR B 140 3.00 13.89 -34.28
CA THR B 140 2.96 14.96 -33.31
C THR B 140 3.51 16.19 -33.96
N ASP B 141 2.74 17.26 -33.88
CA ASP B 141 3.20 18.57 -34.27
C ASP B 141 4.09 19.09 -33.14
N ILE B 142 5.28 19.57 -33.48
CA ILE B 142 6.25 20.05 -32.51
C ILE B 142 6.75 21.40 -33.00
N LYS B 143 6.60 22.42 -32.19
CA LYS B 143 7.07 23.75 -32.53
C LYS B 143 7.95 24.20 -31.37
N VAL B 144 8.94 25.04 -31.66
CA VAL B 144 9.81 25.66 -30.70
C VAL B 144 9.05 26.88 -30.11
N VAL B 145 8.91 26.98 -28.80
CA VAL B 145 8.30 28.15 -28.17
C VAL B 145 9.30 29.32 -28.20
N ASP B 146 8.85 30.50 -28.55
CA ASP B 146 9.72 31.69 -28.53
C ASP B 146 10.22 32.00 -27.11
N ARG B 147 11.53 32.05 -26.91
CA ARG B 147 12.14 32.44 -25.62
C ARG B 147 11.50 33.65 -24.94
N ASP B 148 11.24 34.65 -25.76
CA ASP B 148 10.73 35.92 -25.27
C ASP B 148 9.27 35.87 -24.87
N SER B 149 8.51 34.88 -25.34
CA SER B 149 7.07 34.84 -25.09
C SER B 149 6.66 34.70 -23.61
N GLU B 150 5.39 35.01 -23.40
CA GLU B 150 4.72 34.96 -22.11
C GLU B 150 4.71 33.53 -21.55
N GLU B 151 4.30 32.56 -22.35
CA GLU B 151 4.30 31.16 -21.92
C GLU B 151 5.71 30.65 -21.59
N ALA B 152 6.74 31.06 -22.36
CA ALA B 152 8.13 30.73 -22.03
C ALA B 152 8.55 31.30 -20.68
N GLU B 153 8.12 32.53 -20.38
CA GLU B 153 8.34 33.13 -19.07
C GLU B 153 7.70 32.38 -17.92
N ILE B 154 6.47 31.93 -18.13
CA ILE B 154 5.76 31.25 -17.09
C ILE B 154 6.46 29.88 -16.80
N ILE B 155 6.72 29.16 -17.87
CA ILE B 155 7.44 27.89 -17.83
C ILE B 155 8.77 28.04 -17.14
N ARG B 156 9.54 29.03 -17.56
CA ARG B 156 10.84 29.25 -16.92
C ARG B 156 10.73 29.52 -15.41
N LYS B 157 9.69 30.26 -15.02
CA LYS B 157 9.45 30.56 -13.62
C LYS B 157 9.00 29.28 -12.87
N TYR B 158 8.21 28.43 -13.54
CA TYR B 158 7.81 27.12 -12.96
C TYR B 158 9.03 26.25 -12.62
N VAL B 159 10.00 26.21 -13.52
CA VAL B 159 11.29 25.54 -13.32
C VAL B 159 12.08 26.21 -12.24
N LYS B 160 12.09 27.53 -12.24
CA LYS B 160 12.98 28.29 -11.36
C LYS B 160 12.57 28.13 -9.86
N ASN B 161 11.26 28.11 -9.60
CA ASN B 161 10.75 28.19 -8.25
C ASN B 161 10.54 26.83 -7.58
N THR B 162 10.46 25.74 -8.38
CA THR B 162 10.06 24.47 -7.86
C THR B 162 11.18 23.46 -7.88
N HIS B 163 12.44 23.92 -7.79
CA HIS B 163 13.55 23.03 -7.58
C HIS B 163 13.71 22.81 -6.06
N ALA B 164 13.41 21.58 -5.57
CA ALA B 164 13.47 21.27 -4.14
C ALA B 164 14.91 21.34 -3.63
N THR B 165 15.08 21.94 -2.45
CA THR B 165 16.40 22.08 -1.81
C THR B 165 17.09 20.76 -1.60
N THR B 166 16.32 19.74 -1.18
CA THR B 166 16.84 18.35 -1.03
C THR B 166 17.34 17.66 -2.32
N HIS B 167 16.80 18.07 -3.45
CA HIS B 167 17.33 17.68 -4.79
C HIS B 167 18.49 18.60 -5.27
N ASN B 168 19.60 18.60 -4.56
CA ASN B 168 20.68 19.50 -4.97
C ASN B 168 21.93 18.74 -5.40
N ALA B 169 21.73 17.57 -5.94
CA ALA B 169 22.80 16.93 -6.63
C ALA B 169 23.08 17.70 -7.94
N TYR B 170 22.08 18.42 -8.45
CA TYR B 170 22.18 19.12 -9.71
C TYR B 170 21.34 20.38 -9.68
N ASP B 171 21.60 21.27 -10.63
CA ASP B 171 20.59 22.27 -10.99
C ASP B 171 20.24 22.16 -12.49
N LEU B 172 19.23 22.90 -12.89
CA LEU B 172 18.61 22.72 -14.16
C LEU B 172 18.71 23.99 -14.95
N GLU B 173 19.00 23.88 -16.24
CA GLU B 173 18.78 25.02 -17.17
C GLU B 173 17.99 24.55 -18.39
N VAL B 174 17.09 25.41 -18.84
CA VAL B 174 16.21 25.07 -19.91
C VAL B 174 17.00 25.33 -21.18
N ILE B 175 17.05 24.37 -22.09
CA ILE B 175 17.66 24.59 -23.37
C ILE B 175 16.57 24.97 -24.38
N ASP B 176 15.56 24.13 -24.54
CA ASP B 176 14.50 24.36 -25.52
C ASP B 176 13.14 24.04 -24.86
N ILE B 177 12.13 24.80 -25.26
CA ILE B 177 10.79 24.59 -24.82
C ILE B 177 10.04 24.38 -26.09
N PHE B 178 9.38 23.22 -26.22
CA PHE B 178 8.67 22.87 -27.43
C PHE B 178 7.17 22.84 -27.09
N LYS B 179 6.34 23.28 -28.03
CA LYS B 179 4.90 23.13 -27.90
C LYS B 179 4.53 21.88 -28.69
N ILE B 180 3.74 21.00 -28.10
CA ILE B 180 3.47 19.72 -28.76
C ILE B 180 1.97 19.41 -28.85
N GLU B 181 1.58 18.81 -29.96
CA GLU B 181 0.20 18.39 -30.18
C GLU B 181 0.20 16.99 -30.74
N ARG B 182 0.01 16.02 -29.89
CA ARG B 182 -0.12 14.65 -30.37
C ARG B 182 -1.43 14.54 -31.13
N GLU B 183 -1.38 13.90 -32.28
CA GLU B 183 -2.54 13.69 -33.12
C GLU B 183 -3.65 12.91 -32.35
N GLY B 184 -4.87 13.46 -32.39
CA GLY B 184 -6.03 12.83 -31.78
C GLY B 184 -6.18 13.12 -30.32
N GLU B 185 -5.21 13.79 -29.67
CA GLU B 185 -5.26 13.82 -28.22
C GLU B 185 -6.20 14.89 -27.73
N CYS B 186 -6.37 15.95 -28.51
CA CYS B 186 -7.30 17.03 -28.17
C CYS B 186 -8.75 16.55 -28.15
N GLN B 187 -9.09 15.74 -29.15
CA GLN B 187 -10.38 15.07 -29.26
C GLN B 187 -10.61 14.14 -28.06
N ARG B 188 -9.58 13.33 -27.72
CA ARG B 188 -9.64 12.38 -26.60
C ARG B 188 -9.81 13.08 -25.28
N TYR B 189 -9.23 14.27 -25.17
CA TYR B 189 -9.31 15.01 -23.93
C TYR B 189 -10.67 15.75 -23.71
N LYS B 190 -11.43 15.89 -24.78
CA LYS B 190 -12.61 16.76 -24.81
C LYS B 190 -13.58 16.45 -23.66
N PRO B 191 -13.89 15.15 -23.42
CA PRO B 191 -14.77 14.88 -22.27
C PRO B 191 -14.28 15.45 -20.95
N PHE B 192 -12.97 15.64 -20.79
CA PHE B 192 -12.46 16.16 -19.53
C PHE B 192 -12.11 17.63 -19.53
N LYS B 193 -12.16 18.30 -20.69
CA LYS B 193 -11.69 19.68 -20.77
C LYS B 193 -12.40 20.67 -19.83
N GLN B 194 -13.65 20.36 -19.43
CA GLN B 194 -14.41 21.26 -18.53
C GLN B 194 -14.55 20.75 -17.09
N LEU B 195 -13.85 19.67 -16.76
CA LEU B 195 -13.78 19.21 -15.38
C LEU B 195 -13.04 20.23 -14.52
N HIS B 196 -13.46 20.38 -13.28
CA HIS B 196 -12.76 21.21 -12.34
C HIS B 196 -11.32 20.69 -12.02
N ASN B 197 -10.51 21.57 -11.43
CA ASN B 197 -9.17 21.25 -10.92
C ASN B 197 -8.34 20.64 -12.05
N ARG B 198 -8.20 21.42 -13.11
CA ARG B 198 -7.28 21.09 -14.17
C ARG B 198 -5.99 21.78 -13.76
N ARG B 199 -4.87 21.07 -13.92
CA ARG B 199 -3.58 21.55 -13.45
C ARG B 199 -2.48 21.21 -14.44
N LEU B 200 -1.50 22.13 -14.59
CA LEU B 200 -0.34 21.92 -15.49
C LEU B 200 0.78 21.29 -14.67
N LEU B 201 1.08 20.05 -14.97
CA LEU B 201 1.96 19.29 -14.11
C LEU B 201 3.08 18.66 -14.93
N TRP B 202 4.18 18.40 -14.23
CA TRP B 202 5.36 17.84 -14.82
C TRP B 202 5.31 16.28 -14.96
N HIS B 203 5.88 15.77 -16.05
CA HIS B 203 6.24 14.34 -16.10
C HIS B 203 7.62 14.11 -16.71
N GLY B 204 8.53 13.55 -15.92
CA GLY B 204 9.89 13.23 -16.37
C GLY B 204 9.99 11.78 -16.75
N SER B 205 10.85 11.51 -17.71
CA SER B 205 11.01 10.15 -18.25
C SER B 205 12.33 10.10 -18.95
N ARG B 206 12.95 8.92 -19.00
CA ARG B 206 14.22 8.89 -19.75
C ARG B 206 14.00 9.11 -21.22
N THR B 207 15.09 9.57 -21.83
CA THR B 207 15.01 10.11 -23.14
C THR B 207 14.71 8.96 -24.06
N THR B 208 15.17 7.75 -23.72
CA THR B 208 14.79 6.57 -24.53
C THR B 208 13.29 6.15 -24.56
N ASN B 209 12.42 6.79 -23.79
CA ASN B 209 10.96 6.52 -23.79
C ASN B 209 10.19 7.50 -24.63
N PHE B 210 10.84 8.56 -25.12
CA PHE B 210 10.07 9.67 -25.68
C PHE B 210 9.47 9.45 -27.03
N ALA B 211 10.06 8.55 -27.81
CA ALA B 211 9.45 8.19 -29.10
C ALA B 211 8.13 7.51 -28.86
N GLY B 212 8.14 6.66 -27.87
CA GLY B 212 6.99 5.94 -27.45
C GLY B 212 5.99 6.87 -26.80
N ILE B 213 6.45 7.83 -26.01
CA ILE B 213 5.50 8.77 -25.41
C ILE B 213 4.83 9.65 -26.45
N LEU B 214 5.58 10.12 -27.44
CA LEU B 214 5.00 11.01 -28.40
C LEU B 214 4.15 10.23 -29.38
N SER B 215 4.53 9.03 -29.78
CA SER B 215 3.66 8.36 -30.75
C SER B 215 2.39 7.84 -30.06
N GLN B 216 2.50 7.33 -28.83
CA GLN B 216 1.38 6.66 -28.15
C GLN B 216 0.80 7.34 -26.90
N GLY B 217 1.38 8.46 -26.48
CA GLY B 217 0.93 9.20 -25.32
C GLY B 217 1.45 8.62 -24.01
N LEU B 218 1.16 9.25 -22.88
CA LEU B 218 1.47 8.63 -21.61
C LEU B 218 0.45 7.52 -21.43
N ARG B 219 0.92 6.32 -21.10
CA ARG B 219 0.06 5.13 -21.02
C ARG B 219 0.08 4.55 -19.62
N ILE B 220 -0.96 3.80 -19.32
CA ILE B 220 -1.02 3.02 -18.11
C ILE B 220 -0.20 1.73 -18.36
N ALA B 221 0.46 1.21 -17.34
CA ALA B 221 1.14 -0.06 -17.48
C ALA B 221 0.13 -1.15 -17.96
N PRO B 222 0.59 -2.14 -18.70
CA PRO B 222 -0.38 -3.07 -19.25
C PRO B 222 -1.05 -4.00 -18.23
N PRO B 223 -2.12 -4.68 -18.66
CA PRO B 223 -2.86 -5.53 -17.72
C PRO B 223 -2.00 -6.60 -17.03
N GLU B 224 -1.02 -7.15 -17.73
CA GLU B 224 -0.11 -8.11 -17.13
C GLU B 224 0.79 -7.53 -16.01
N ALA B 225 1.02 -6.23 -15.99
CA ALA B 225 1.86 -5.62 -14.98
C ALA B 225 1.27 -5.74 -13.57
N PRO B 226 2.12 -5.93 -12.57
CA PRO B 226 1.64 -6.04 -11.17
C PRO B 226 1.22 -4.70 -10.65
N VAL B 227 -0.03 -4.57 -10.25
CA VAL B 227 -0.49 -3.33 -9.61
C VAL B 227 0.41 -2.91 -8.41
N THR B 228 0.98 -3.89 -7.71
CA THR B 228 1.92 -3.68 -6.58
C THR B 228 3.29 -3.13 -6.98
N GLY B 229 3.65 -3.13 -8.27
CA GLY B 229 4.90 -2.57 -8.69
C GLY B 229 4.96 -1.05 -8.70
N TYR B 230 3.86 -0.37 -8.38
CA TYR B 230 3.83 1.06 -8.38
C TYR B 230 3.13 1.53 -7.12
N MET B 231 3.63 2.62 -6.56
CA MET B 231 3.20 3.14 -5.29
C MET B 231 1.71 3.46 -5.19
N PHE B 232 1.13 4.05 -6.24
CA PHE B 232 -0.30 4.30 -6.32
C PHE B 232 -1.02 3.52 -7.42
N GLY B 233 -0.49 2.34 -7.70
CA GLY B 233 -1.11 1.47 -8.68
C GLY B 233 -0.89 1.92 -10.11
N LYS B 234 -1.75 1.43 -11.00
CA LYS B 234 -1.56 1.56 -12.42
C LYS B 234 -2.25 2.80 -12.96
N GLY B 235 -1.56 3.92 -12.79
CA GLY B 235 -1.97 5.21 -13.28
C GLY B 235 -0.87 5.88 -14.05
N ILE B 236 -1.05 7.19 -14.25
CA ILE B 236 -0.04 8.07 -14.87
C ILE B 236 0.25 9.13 -13.84
N TYR B 237 1.55 9.33 -13.61
CA TYR B 237 2.09 10.01 -12.46
C TYR B 237 2.66 11.39 -12.85
N PHE B 238 2.38 12.40 -12.04
CA PHE B 238 2.88 13.73 -12.23
C PHE B 238 3.35 14.34 -10.95
N ALA B 239 4.24 15.34 -11.09
CA ALA B 239 4.63 16.17 -9.96
C ALA B 239 4.31 17.64 -10.20
N ASP B 240 4.24 18.39 -9.08
CA ASP B 240 4.16 19.83 -9.12
C ASP B 240 5.48 20.52 -8.85
N MET B 241 6.54 19.72 -8.67
CA MET B 241 7.90 20.19 -8.40
C MET B 241 8.78 19.72 -9.55
N VAL B 242 9.45 20.64 -10.25
CA VAL B 242 10.19 20.25 -11.49
C VAL B 242 11.22 19.17 -11.20
N SER B 243 11.85 19.26 -10.03
CA SER B 243 12.95 18.40 -9.70
C SER B 243 12.53 17.01 -9.30
N LYS B 244 11.34 16.90 -8.68
CA LYS B 244 10.78 15.56 -8.44
C LYS B 244 10.58 14.80 -9.78
N SER B 245 9.97 15.45 -10.77
CA SER B 245 9.87 14.85 -12.10
C SER B 245 11.25 14.61 -12.74
N ALA B 246 12.19 15.54 -12.56
CA ALA B 246 13.45 15.44 -13.30
C ALA B 246 14.33 14.27 -12.85
N ASN B 247 14.10 13.83 -11.60
CA ASN B 247 14.72 12.68 -11.05
C ASN B 247 14.31 11.43 -11.85
N TYR B 248 13.08 11.40 -12.39
CA TYR B 248 12.62 10.30 -13.26
C TYR B 248 13.20 10.30 -14.69
N CYS B 249 14.03 11.29 -15.04
CA CYS B 249 14.73 11.28 -16.27
C CYS B 249 15.93 10.36 -16.16
N HIS B 250 16.41 10.11 -14.95
CA HIS B 250 17.56 9.23 -14.71
C HIS B 250 18.74 9.69 -15.51
N THR B 251 18.95 11.01 -15.53
CA THR B 251 20.08 11.58 -16.23
C THR B 251 21.35 11.34 -15.38
N SER B 252 22.50 11.33 -16.04
CA SER B 252 23.79 11.14 -15.34
C SER B 252 24.77 12.15 -15.85
N GLN B 253 25.96 12.21 -15.23
CA GLN B 253 27.02 13.08 -15.71
C GLN B 253 27.46 12.67 -17.10
N GLY B 254 27.32 11.37 -17.44
CA GLY B 254 27.66 10.80 -18.74
C GLY B 254 26.84 11.35 -19.90
N ASP B 255 25.49 11.36 -19.73
CA ASP B 255 24.51 12.06 -20.61
C ASP B 255 23.60 13.00 -19.77
N PRO B 256 24.06 14.26 -19.57
CA PRO B 256 23.36 15.17 -18.64
C PRO B 256 22.17 16.00 -19.25
N ILE B 257 21.66 15.61 -20.41
CA ILE B 257 20.52 16.28 -21.03
C ILE B 257 19.33 15.43 -20.71
N GLY B 258 18.26 16.04 -20.26
CA GLY B 258 17.00 15.30 -20.06
C GLY B 258 15.82 15.97 -20.74
N LEU B 259 14.73 15.20 -20.80
CA LEU B 259 13.49 15.61 -21.38
C LEU B 259 12.37 15.47 -20.37
N ILE B 260 11.58 16.52 -20.25
CA ILE B 260 10.47 16.53 -19.30
C ILE B 260 9.24 17.19 -19.92
N LEU B 261 8.08 16.62 -19.68
CA LEU B 261 6.80 17.13 -20.26
C LEU B 261 6.11 17.98 -19.28
N LEU B 262 5.37 18.91 -19.82
CA LEU B 262 4.34 19.59 -19.06
C LEU B 262 3.02 19.18 -19.70
N GLY B 263 2.07 18.74 -18.86
CA GLY B 263 0.77 18.28 -19.31
C GLY B 263 -0.39 18.91 -18.55
N GLU B 264 -1.46 19.24 -19.27
CA GLU B 264 -2.72 19.61 -18.61
C GLU B 264 -3.33 18.32 -18.13
N VAL B 265 -3.56 18.26 -16.83
CA VAL B 265 -4.09 17.06 -16.24
C VAL B 265 -5.45 17.39 -15.62
N ALA B 266 -6.50 16.65 -16.01
CA ALA B 266 -7.85 16.82 -15.39
C ALA B 266 -7.98 16.08 -14.08
N LEU B 267 -7.79 16.74 -12.95
CA LEU B 267 -7.68 16.06 -11.66
C LEU B 267 -9.00 15.89 -10.89
N GLY B 268 -9.93 16.81 -11.13
CA GLY B 268 -11.23 16.85 -10.47
C GLY B 268 -11.18 16.73 -8.98
N ASN B 269 -12.00 15.82 -8.45
CA ASN B 269 -11.96 15.47 -7.05
C ASN B 269 -10.81 14.55 -6.79
N MET B 270 -9.95 14.99 -5.89
CA MET B 270 -8.71 14.32 -5.56
C MET B 270 -8.95 13.48 -4.31
N TYR B 271 -8.63 12.18 -4.40
CA TYR B 271 -8.56 11.32 -3.25
C TYR B 271 -7.15 11.46 -2.64
N GLU B 272 -7.10 11.98 -1.43
CA GLU B 272 -5.89 12.47 -0.86
C GLU B 272 -5.28 11.38 0.00
N LEU B 273 -4.04 10.98 -0.30
CA LEU B 273 -3.39 9.82 0.36
C LEU B 273 -2.03 10.20 0.86
N LYS B 274 -1.65 9.62 1.97
CA LYS B 274 -0.35 9.88 2.55
C LYS B 274 0.59 8.71 2.38
N HIS B 275 0.05 7.56 1.97
CA HIS B 275 0.84 6.33 1.88
C HIS B 275 0.40 5.50 0.74
N ALA B 276 1.21 4.49 0.43
CA ALA B 276 1.02 3.65 -0.70
C ALA B 276 -0.36 3.06 -0.73
N SER B 277 -0.93 3.03 -1.92
CA SER B 277 -2.23 2.42 -2.13
C SER B 277 -2.31 1.86 -3.58
N HIS B 278 -2.23 0.52 -3.71
CA HIS B 278 -2.07 -0.12 -5.03
C HIS B 278 -3.39 -0.42 -5.70
N ILE B 279 -3.87 0.54 -6.46
CA ILE B 279 -5.19 0.46 -7.08
C ILE B 279 -5.12 0.63 -8.60
N SER B 280 -6.17 0.16 -9.26
CA SER B 280 -6.34 0.24 -10.71
C SER B 280 -7.45 1.21 -11.16
N LYS B 281 -8.40 1.47 -10.26
CA LYS B 281 -9.44 2.45 -10.48
C LYS B 281 -9.77 3.18 -9.17
N LEU B 282 -10.59 4.20 -9.30
CA LEU B 282 -10.95 5.03 -8.18
C LEU B 282 -12.37 4.74 -7.81
N PRO B 283 -12.78 5.18 -6.62
CA PRO B 283 -14.22 5.10 -6.35
C PRO B 283 -14.99 6.16 -7.17
N LYS B 284 -16.23 5.86 -7.54
CA LYS B 284 -17.08 6.78 -8.31
C LYS B 284 -17.17 8.11 -7.57
N GLY B 285 -17.17 9.19 -8.34
CA GLY B 285 -16.97 10.52 -7.78
C GLY B 285 -15.51 10.99 -7.59
N LYS B 286 -14.52 10.09 -7.51
CA LYS B 286 -13.10 10.54 -7.44
C LYS B 286 -12.51 10.48 -8.82
N HIS B 287 -11.77 11.51 -9.21
CA HIS B 287 -11.09 11.53 -10.53
C HIS B 287 -9.56 11.39 -10.48
N SER B 288 -8.95 11.57 -9.31
CA SER B 288 -7.52 11.43 -9.20
C SER B 288 -7.06 11.13 -7.81
N VAL B 289 -5.79 10.75 -7.68
CA VAL B 289 -5.15 10.63 -6.39
C VAL B 289 -4.20 11.80 -6.23
N LYS B 290 -4.15 12.36 -5.04
CA LYS B 290 -3.08 13.30 -4.70
C LYS B 290 -2.33 12.73 -3.51
N GLY B 291 -1.05 12.42 -3.74
CA GLY B 291 -0.19 11.91 -2.69
C GLY B 291 0.21 13.18 -2.00
N LEU B 292 -0.05 13.30 -0.71
CA LEU B 292 0.20 14.57 0.00
C LEU B 292 1.66 14.63 0.41
N GLY B 293 2.32 15.70 -0.01
CA GLY B 293 3.72 15.89 0.30
C GLY B 293 3.88 16.69 1.58
N LYS B 294 5.04 16.55 2.20
CA LYS B 294 5.47 17.32 3.38
C LYS B 294 5.78 18.79 3.02
N THR B 295 6.07 19.06 1.75
CA THR B 295 6.30 20.39 1.22
C THR B 295 5.43 20.56 -0.04
N THR B 296 4.88 21.77 -0.24
CA THR B 296 3.99 22.05 -1.35
C THR B 296 4.15 23.44 -1.94
N PRO B 297 3.75 23.64 -3.23
CA PRO B 297 3.86 25.00 -3.78
C PRO B 297 2.94 25.99 -3.11
N ASP B 298 3.52 27.04 -2.54
CA ASP B 298 2.75 28.13 -1.94
C ASP B 298 1.48 28.41 -2.76
N PRO B 299 0.28 28.14 -2.21
CA PRO B 299 -0.97 28.27 -2.97
C PRO B 299 -1.29 29.68 -3.44
N SER B 300 -0.92 30.67 -2.65
CA SER B 300 -1.17 32.06 -3.03
C SER B 300 -0.32 32.55 -4.19
N ALA B 301 0.68 31.77 -4.62
CA ALA B 301 1.44 32.11 -5.83
C ALA B 301 0.92 31.43 -7.12
N ASN B 302 -0.20 30.71 -7.04
CA ASN B 302 -0.83 30.10 -8.23
C ASN B 302 -1.20 31.09 -9.30
N ILE B 303 -0.98 30.68 -10.55
CA ILE B 303 -1.19 31.49 -11.75
C ILE B 303 -1.97 30.66 -12.79
N SER B 304 -2.73 31.33 -13.64
CA SER B 304 -3.45 30.71 -14.75
C SER B 304 -2.60 30.75 -16.01
N LEU B 305 -2.71 29.73 -16.86
CA LEU B 305 -2.09 29.74 -18.20
C LEU B 305 -3.09 29.09 -19.13
N ASP B 306 -3.82 29.91 -19.89
CA ASP B 306 -4.86 29.44 -20.80
C ASP B 306 -5.89 28.62 -20.03
N GLY B 307 -6.33 29.15 -18.89
CA GLY B 307 -7.40 28.53 -18.11
C GLY B 307 -6.95 27.30 -17.31
N VAL B 308 -5.65 27.04 -17.21
CA VAL B 308 -5.12 25.90 -16.43
C VAL B 308 -4.28 26.46 -15.28
N ASP B 309 -4.48 26.01 -14.05
CA ASP B 309 -3.65 26.44 -12.91
C ASP B 309 -2.23 25.88 -13.02
N VAL B 310 -1.26 26.75 -12.77
CA VAL B 310 0.15 26.41 -12.72
C VAL B 310 0.63 26.70 -11.30
N PRO B 311 1.06 25.66 -10.57
CA PRO B 311 1.43 25.87 -9.16
C PRO B 311 2.90 26.17 -9.04
N LEU B 312 3.27 27.39 -9.40
CA LEU B 312 4.65 27.75 -9.48
C LEU B 312 5.17 28.45 -8.18
N GLY B 313 4.40 28.42 -7.09
CA GLY B 313 4.89 28.90 -5.79
C GLY B 313 6.18 28.24 -5.33
N THR B 314 7.04 28.96 -4.62
CA THR B 314 8.20 28.28 -3.96
C THR B 314 7.70 27.36 -2.85
N GLY B 315 8.56 26.46 -2.41
CA GLY B 315 8.16 25.41 -1.49
C GLY B 315 7.94 25.97 -0.11
N ILE B 316 6.82 25.57 0.52
CA ILE B 316 6.52 25.78 1.95
C ILE B 316 5.93 24.52 2.61
N SER B 317 5.97 24.49 3.96
CA SER B 317 5.32 23.44 4.74
C SER B 317 3.84 23.32 4.35
N SER B 318 3.42 22.11 3.95
CA SER B 318 2.01 21.82 3.64
C SER B 318 1.12 21.75 4.90
N GLY B 319 1.77 21.48 6.04
CA GLY B 319 1.09 21.30 7.30
C GLY B 319 0.47 19.93 7.38
N VAL B 320 1.13 18.91 6.80
CA VAL B 320 0.64 17.51 6.82
C VAL B 320 1.63 16.64 7.58
N ASN B 321 1.12 15.92 8.57
CA ASN B 321 1.95 15.30 9.60
C ASN B 321 2.63 13.99 9.15
N ASP B 322 1.85 12.90 9.15
CA ASP B 322 2.36 11.55 8.90
C ASP B 322 2.18 11.25 7.43
N THR B 323 3.27 11.31 6.65
CA THR B 323 3.22 11.02 5.22
C THR B 323 4.50 10.34 4.75
N SER B 324 4.38 9.45 3.79
CA SER B 324 5.52 8.80 3.19
C SER B 324 6.23 9.69 2.14
N LEU B 325 5.59 10.79 1.76
CA LEU B 325 6.02 11.60 0.63
C LEU B 325 6.61 12.95 1.04
N LEU B 326 7.81 13.20 0.55
CA LEU B 326 8.39 14.53 0.72
C LEU B 326 7.61 15.59 -0.08
N TYR B 327 7.20 15.28 -1.32
CA TYR B 327 6.50 16.26 -2.20
C TYR B 327 5.25 15.59 -2.79
N ASN B 328 4.38 16.43 -3.33
CA ASN B 328 3.15 15.97 -3.85
C ASN B 328 3.39 15.08 -5.09
N GLU B 329 2.35 14.40 -5.47
CA GLU B 329 2.37 13.47 -6.54
C GLU B 329 0.89 13.43 -6.95
N TYR B 330 0.63 13.34 -8.23
CA TYR B 330 -0.70 13.30 -8.77
C TYR B 330 -0.80 12.13 -9.76
N ILE B 331 -1.90 11.39 -9.67
CA ILE B 331 -2.09 10.17 -10.41
C ILE B 331 -3.49 10.17 -10.98
N VAL B 332 -3.59 9.90 -12.27
CA VAL B 332 -4.85 9.66 -12.96
C VAL B 332 -4.89 8.25 -13.53
N TYR B 333 -6.10 7.70 -13.63
CA TYR B 333 -6.34 6.30 -13.97
C TYR B 333 -7.09 6.12 -15.28
N ASP B 334 -7.04 7.14 -16.12
CA ASP B 334 -7.60 7.08 -17.48
C ASP B 334 -6.73 7.97 -18.34
N ILE B 335 -6.26 7.43 -19.47
CA ILE B 335 -5.35 8.16 -20.39
C ILE B 335 -5.98 9.47 -20.94
N ALA B 336 -7.30 9.44 -21.07
CA ALA B 336 -8.07 10.57 -21.57
C ALA B 336 -8.09 11.77 -20.63
N GLN B 337 -7.58 11.65 -19.40
CA GLN B 337 -7.48 12.80 -18.54
C GLN B 337 -6.21 13.64 -18.67
N VAL B 338 -5.39 13.37 -19.68
CA VAL B 338 -4.08 14.03 -19.86
C VAL B 338 -4.03 14.65 -21.28
N ASN B 339 -3.59 15.90 -21.39
CA ASN B 339 -3.33 16.53 -22.68
C ASN B 339 -1.91 17.12 -22.59
N LEU B 340 -1.00 16.57 -23.38
CA LEU B 340 0.43 16.94 -23.32
C LEU B 340 0.53 18.23 -24.06
N LYS B 341 1.18 19.22 -23.45
CA LYS B 341 1.21 20.60 -23.96
C LYS B 341 2.62 21.09 -24.32
N TYR B 342 3.60 20.84 -23.45
CA TYR B 342 4.99 21.23 -23.72
C TYR B 342 5.97 20.12 -23.45
N LEU B 343 7.07 20.10 -24.19
CA LEU B 343 8.23 19.23 -23.97
C LEU B 343 9.47 20.14 -23.79
N LEU B 344 10.14 20.01 -22.65
CA LEU B 344 11.34 20.78 -22.31
C LEU B 344 12.59 19.92 -22.44
N LYS B 345 13.64 20.48 -23.04
CA LYS B 345 14.94 19.91 -23.01
C LYS B 345 15.73 20.62 -21.96
N LEU B 346 16.23 19.90 -20.98
CA LEU B 346 16.92 20.49 -19.84
C LEU B 346 18.35 19.96 -19.74
N LYS B 347 19.26 20.84 -19.35
CA LYS B 347 20.61 20.45 -19.04
C LYS B 347 20.67 20.31 -17.52
N PHE B 348 21.25 19.21 -17.09
CA PHE B 348 21.47 18.98 -15.69
C PHE B 348 22.93 19.35 -15.39
N ASN B 349 23.17 20.34 -14.53
CA ASN B 349 24.53 20.66 -14.10
C ASN B 349 24.80 20.08 -12.68
N PHE B 350 25.50 18.95 -12.63
CA PHE B 350 25.77 18.24 -11.39
C PHE B 350 26.80 18.99 -10.56
N LYS B 351 26.56 19.13 -9.26
CA LYS B 351 27.39 19.96 -8.37
C LYS B 351 28.49 19.11 -7.76
N THR B 352 28.11 17.92 -7.31
CA THR B 352 29.05 16.85 -6.99
C THR B 352 29.72 16.36 -8.30
CAG 7U3 C . -4.01 -5.78 12.49
CAF 7U3 C . -4.57 -5.95 11.14
NAK 7U3 C . -3.48 -6.75 10.47
CAH 7U3 C . -2.87 -7.65 11.49
CAS 7U3 C . -3.49 -7.19 12.85
CAI 7U3 C . -4.59 -8.07 13.42
OAM 7U3 C . -5.43 -8.58 12.33
CAO 7U3 C . -6.49 -9.42 12.56
NAJ 7U3 C . -6.87 -9.84 13.77
NAL 7U3 C . -7.82 -10.63 13.99
CAP 7U3 C . -8.64 -11.08 12.93
OAA 7U3 C . -9.58 -11.85 13.16
CAR 7U3 C . -8.33 -10.64 11.63
CAQ 7U3 C . -7.23 -9.81 11.44
CAD 7U3 C . -6.89 -9.37 10.14
CAC 7U3 C . -7.65 -9.77 9.05
CAN 7U3 C . -8.74 -10.62 9.26
FAB 7U3 C . -9.51 -10.98 8.30
CAE 7U3 C . -9.08 -11.04 10.53
CAG 7U3 D . 5.65 4.95 -11.68
CAF 7U3 D . 5.68 5.40 -10.28
NAK 7U3 D . 7.09 5.16 -9.89
CAH 7U3 D . 7.94 5.27 -11.10
CAS 7U3 D . 7.03 5.31 -12.30
CAI 7U3 D . 7.00 6.66 -13.05
OAM 7U3 D . 6.89 7.64 -11.96
CAO 7U3 D . 7.03 8.93 -12.32
NAJ 7U3 D . 7.52 9.30 -13.49
NAL 7U3 D . 7.64 10.54 -13.87
CAP 7U3 D . 7.32 11.57 -13.00
OAA 7U3 D . 7.49 12.75 -13.33
CAR 7U3 D . 6.82 11.20 -11.73
CAQ 7U3 D . 6.66 9.86 -11.39
CAD 7U3 D . 6.17 9.49 -10.11
CAC 7U3 D . 5.79 10.52 -9.23
CAN 7U3 D . 5.96 11.86 -9.61
FAB 7U3 D . 5.70 12.78 -8.92
CAE 7U3 D . 6.46 12.20 -10.84
#